data_8ERP
#
_entry.id   8ERP
#
_cell.length_a   1.00
_cell.length_b   1.00
_cell.length_c   1.00
_cell.angle_alpha   90.00
_cell.angle_beta   90.00
_cell.angle_gamma   90.00
#
_symmetry.space_group_name_H-M   'P 1'
#
loop_
_entity.id
_entity.type
_entity.pdbx_description
1 polymer 'Cholinephosphotransferase 1'
2 non-polymer 'MAGNESIUM ION'
3 non-polymer 1-palmitoyl-2-oleoyl-sn-glycero-3-phosphocholine
4 non-polymer "[2-CYTIDYLATE-O'-PHOSPHONYLOXYL]-ETHYL-TRIMETHYL-AMMONIUM"
#
_entity_poly.entity_id   1
_entity_poly.type   'polypeptide(L)'
_entity_poly.pdbx_seq_one_letter_code
;MGLAEGLAARMAPHLYIQEPLSAQQLKKLEEHKYSASGRSLVEPPMQVYWNWLVEKVPLWLAPNTITMVGLLLNVLSTLI
LVCYCPTATEGAPFWTYLLCAIGLFVYQSLDAIDGKQARRTNSSSPLGEMFDHGCDSISIVFVNLGTIAAVRLGTLPGWM
FYCCFVGMFMFYCAQWQTYVCGTLKFGIIDVTELQISVTVMFLMTAVCGPELWDYEIPFTGLPMKTIPLLGIIGGTVYSC
SNYFRVILSGGVGKNGSTVAGTSVLSPGLHIGLVLLLALMIYKKSTTNLFLQNPCLYTLAFGFVSAKITIKLVIAHMTKS
EISLQDTAFIGPGLLFFNQYFNSFIDEYIVLWIAMVISFADLLRYCISVCLQIATHLRISVFRISSNQAAEQVQTQKQKL
TD
;
_entity_poly.pdbx_strand_id   B,A
#
# COMPACT_ATOMS: atom_id res chain seq x y z
N PRO A 20 -17.95 -13.27 0.16
CA PRO A 20 -16.55 -13.74 0.21
C PRO A 20 -16.08 -14.25 -1.14
N LEU A 21 -16.87 -15.13 -1.76
CA LEU A 21 -16.56 -15.70 -3.07
C LEU A 21 -17.60 -15.23 -4.07
N SER A 22 -17.14 -14.76 -5.23
CA SER A 22 -18.06 -14.29 -6.25
C SER A 22 -18.80 -15.47 -6.89
N ALA A 23 -19.84 -15.15 -7.65
CA ALA A 23 -20.65 -16.19 -8.28
C ALA A 23 -19.82 -17.00 -9.27
N GLN A 24 -18.98 -16.35 -10.04
CA GLN A 24 -18.16 -17.06 -11.03
C GLN A 24 -17.18 -18.01 -10.34
N GLN A 25 -16.52 -17.53 -9.28
CA GLN A 25 -15.59 -18.39 -8.54
C GLN A 25 -16.32 -19.59 -7.95
N LEU A 26 -17.49 -19.35 -7.36
CA LEU A 26 -18.25 -20.43 -6.74
C LEU A 26 -18.71 -21.43 -7.78
N LYS A 27 -19.04 -20.95 -8.99
CA LYS A 27 -19.39 -21.86 -10.08
C LYS A 27 -18.19 -22.70 -10.49
N LYS A 28 -17.01 -22.08 -10.60
CA LYS A 28 -15.81 -22.84 -10.94
C LYS A 28 -15.35 -23.75 -9.82
N LEU A 29 -15.88 -23.59 -8.61
CA LEU A 29 -15.49 -24.48 -7.51
C LEU A 29 -15.85 -25.93 -7.82
N GLU A 30 -17.04 -26.15 -8.39
CA GLU A 30 -17.44 -27.50 -8.75
C GLU A 30 -16.57 -28.04 -9.87
N GLU A 31 -16.76 -29.32 -10.18
CA GLU A 31 -15.95 -30.03 -11.17
C GLU A 31 -14.47 -29.96 -10.80
N HIS A 32 -14.18 -30.14 -9.52
CA HIS A 32 -12.83 -30.11 -8.99
C HIS A 32 -12.39 -31.52 -8.64
N LYS A 33 -11.28 -31.96 -9.22
CA LYS A 33 -10.78 -33.31 -9.06
C LYS A 33 -9.49 -33.27 -8.24
N TYR A 34 -9.52 -33.88 -7.05
CA TYR A 34 -8.32 -33.99 -6.24
C TYR A 34 -7.35 -34.97 -6.87
N SER A 35 -6.08 -34.58 -6.95
CA SER A 35 -5.06 -35.42 -7.57
C SER A 35 -3.73 -35.17 -6.89
N ALA A 36 -3.01 -36.26 -6.57
CA ALA A 36 -1.72 -36.17 -5.93
C ALA A 36 -0.89 -37.40 -6.29
N SER A 37 0.41 -37.18 -6.46
CA SER A 37 1.32 -38.28 -6.79
C SER A 37 2.58 -38.13 -5.96
N GLY A 38 2.99 -39.22 -5.31
CA GLY A 38 4.19 -39.22 -4.50
C GLY A 38 4.10 -40.27 -3.41
N ARG A 39 5.28 -40.61 -2.89
CA ARG A 39 5.39 -41.61 -1.84
C ARG A 39 6.72 -41.44 -1.14
N SER A 40 6.75 -41.80 0.15
CA SER A 40 7.95 -41.65 0.97
C SER A 40 8.42 -43.03 1.43
N LEU A 41 9.55 -43.03 2.12
CA LEU A 41 10.18 -44.29 2.54
C LEU A 41 9.33 -45.03 3.56
N VAL A 42 8.90 -44.34 4.62
CA VAL A 42 8.18 -44.99 5.72
C VAL A 42 6.69 -45.13 5.45
N GLU A 43 6.23 -44.75 4.27
CA GLU A 43 4.80 -44.80 3.99
C GLU A 43 4.22 -46.21 4.00
N PRO A 44 4.77 -47.19 3.27
CA PRO A 44 4.06 -48.48 3.11
C PRO A 44 3.73 -49.17 4.43
N PRO A 45 4.67 -49.27 5.39
CA PRO A 45 4.27 -49.87 6.67
C PRO A 45 3.21 -49.08 7.40
N MET A 46 3.40 -47.78 7.55
CA MET A 46 2.36 -46.93 8.12
C MET A 46 1.11 -46.87 7.26
N GLN A 47 1.24 -47.03 5.95
CA GLN A 47 0.04 -47.15 5.11
C GLN A 47 -0.79 -48.36 5.50
N VAL A 48 -0.12 -49.50 5.70
CA VAL A 48 -0.81 -50.72 6.12
C VAL A 48 -1.43 -50.52 7.51
N TYR A 49 -0.69 -49.87 8.41
CA TYR A 49 -1.21 -49.61 9.75
C TYR A 49 -2.46 -48.74 9.71
N TRP A 50 -2.43 -47.66 8.91
CA TRP A 50 -3.60 -46.80 8.80
C TRP A 50 -4.77 -47.53 8.17
N ASN A 51 -4.50 -48.37 7.16
CA ASN A 51 -5.57 -49.16 6.57
C ASN A 51 -6.21 -50.09 7.60
N TRP A 52 -5.39 -50.75 8.41
CA TRP A 52 -5.92 -51.61 9.46
C TRP A 52 -6.77 -50.84 10.45
N LEU A 53 -6.30 -49.65 10.86
CA LEU A 53 -7.04 -48.90 11.87
C LEU A 53 -8.35 -48.38 11.32
N VAL A 54 -8.34 -47.91 10.05
CA VAL A 54 -9.57 -47.38 9.46
C VAL A 54 -10.54 -48.50 9.12
N GLU A 55 -10.03 -49.73 9.03
CA GLU A 55 -10.90 -50.89 8.83
C GLU A 55 -11.87 -51.05 10.00
N LYS A 56 -11.53 -50.47 11.15
CA LYS A 56 -12.29 -50.63 12.39
C LYS A 56 -12.83 -49.29 12.88
N VAL A 57 -13.41 -48.50 11.98
CA VAL A 57 -13.98 -47.20 12.34
C VAL A 57 -15.47 -47.22 12.01
N PRO A 58 -16.33 -46.59 12.80
CA PRO A 58 -17.75 -46.51 12.44
C PRO A 58 -17.97 -45.78 11.13
N LEU A 59 -18.97 -46.24 10.37
CA LEU A 59 -19.25 -45.72 9.04
C LEU A 59 -20.09 -44.45 9.06
N TRP A 60 -20.69 -44.09 10.19
CA TRP A 60 -21.57 -42.94 10.26
C TRP A 60 -20.87 -41.65 10.68
N LEU A 61 -19.57 -41.70 10.93
CA LEU A 61 -18.83 -40.53 11.42
C LEU A 61 -18.28 -39.73 10.25
N ALA A 62 -18.41 -38.41 10.33
CA ALA A 62 -17.95 -37.53 9.27
C ALA A 62 -16.47 -37.20 9.43
N PRO A 63 -15.74 -37.08 8.32
CA PRO A 63 -14.30 -36.75 8.40
C PRO A 63 -14.02 -35.38 8.99
N ASN A 64 -14.92 -34.41 8.81
CA ASN A 64 -14.69 -33.07 9.36
C ASN A 64 -14.57 -33.10 10.87
N THR A 65 -15.42 -33.89 11.53
CA THR A 65 -15.30 -34.06 12.97
C THR A 65 -13.96 -34.66 13.36
N ILE A 66 -13.48 -35.63 12.58
CA ILE A 66 -12.20 -36.28 12.91
C ILE A 66 -11.06 -35.28 12.82
N THR A 67 -11.00 -34.52 11.72
CA THR A 67 -9.92 -33.55 11.57
C THR A 67 -10.02 -32.43 12.59
N MET A 68 -11.25 -32.00 12.94
CA MET A 68 -11.41 -30.99 13.97
C MET A 68 -10.92 -31.49 15.32
N VAL A 69 -11.23 -32.75 15.65
CA VAL A 69 -10.78 -33.32 16.92
C VAL A 69 -9.26 -33.41 16.95
N GLY A 70 -8.65 -33.86 15.85
CA GLY A 70 -7.20 -33.95 15.81
C GLY A 70 -6.53 -32.60 15.98
N LEU A 71 -7.02 -31.59 15.25
CA LEU A 71 -6.47 -30.24 15.38
C LEU A 71 -6.66 -29.71 16.80
N LEU A 72 -7.83 -29.95 17.39
CA LEU A 72 -8.09 -29.46 18.74
C LEU A 72 -7.13 -30.08 19.75
N LEU A 73 -6.91 -31.40 19.65
CA LEU A 73 -6.00 -32.05 20.57
C LEU A 73 -4.58 -31.52 20.41
N ASN A 74 -4.12 -31.40 19.16
CA ASN A 74 -2.76 -30.92 18.93
C ASN A 74 -2.58 -29.50 19.47
N VAL A 75 -3.53 -28.61 19.18
CA VAL A 75 -3.44 -27.23 19.62
C VAL A 75 -3.49 -27.15 21.14
N LEU A 76 -4.36 -27.92 21.78
CA LEU A 76 -4.46 -27.86 23.24
C LEU A 76 -3.16 -28.32 23.90
N SER A 77 -2.59 -29.43 23.42
CA SER A 77 -1.37 -29.92 24.04
C SER A 77 -0.21 -28.95 23.82
N THR A 78 -0.08 -28.42 22.60
CA THR A 78 0.96 -27.44 22.34
C THR A 78 0.77 -26.19 23.17
N LEU A 79 -0.48 -25.76 23.37
CA LEU A 79 -0.75 -24.58 24.18
C LEU A 79 -0.33 -24.81 25.63
N ILE A 80 -0.61 -26.00 26.16
CA ILE A 80 -0.17 -26.31 27.53
C ILE A 80 1.34 -26.25 27.63
N LEU A 81 2.04 -26.88 26.68
CA LEU A 81 3.50 -26.89 26.72
C LEU A 81 4.07 -25.48 26.60
N VAL A 82 3.48 -24.65 25.73
CA VAL A 82 3.95 -23.28 25.55
C VAL A 82 3.72 -22.48 26.82
N CYS A 83 2.55 -22.64 27.44
CA CYS A 83 2.25 -21.92 28.68
C CYS A 83 3.19 -22.29 29.81
N TYR A 84 3.60 -23.56 29.89
CA TYR A 84 4.58 -23.91 30.92
C TYR A 84 5.99 -23.47 30.60
N CYS A 85 6.28 -23.10 29.35
CA CYS A 85 7.64 -22.69 28.96
C CYS A 85 7.64 -21.44 28.10
N PRO A 86 7.33 -20.28 28.67
CA PRO A 86 7.55 -19.02 27.94
C PRO A 86 9.04 -18.77 27.75
N THR A 87 9.39 -18.10 26.66
CA THR A 87 10.74 -17.71 26.27
C THR A 87 11.56 -18.93 25.84
N ALA A 88 11.04 -20.14 26.01
CA ALA A 88 11.68 -21.38 25.56
C ALA A 88 13.09 -21.54 26.17
N THR A 89 13.18 -21.32 27.48
CA THR A 89 14.43 -21.60 28.19
C THR A 89 14.26 -22.27 29.53
N GLU A 90 13.04 -22.54 30.00
CA GLU A 90 12.83 -23.29 31.23
C GLU A 90 12.65 -24.78 30.89
N GLY A 91 12.22 -25.56 31.87
CA GLY A 91 11.97 -26.97 31.66
C GLY A 91 10.54 -27.32 32.00
N ALA A 92 10.11 -28.47 31.50
CA ALA A 92 8.75 -28.96 31.65
C ALA A 92 8.76 -30.38 32.18
N PRO A 93 7.70 -30.78 32.89
CA PRO A 93 7.66 -32.12 33.48
C PRO A 93 7.29 -33.19 32.46
N PHE A 94 7.18 -34.42 32.98
CA PHE A 94 6.78 -35.58 32.19
C PHE A 94 5.42 -35.39 31.54
N TRP A 95 4.49 -34.79 32.29
CA TRP A 95 3.11 -34.58 31.86
C TRP A 95 3.02 -33.95 30.48
N THR A 96 3.59 -32.75 30.33
CA THR A 96 3.43 -31.99 29.10
C THR A 96 4.08 -32.69 27.91
N TYR A 97 5.26 -33.28 28.09
CA TYR A 97 5.93 -33.94 26.99
C TYR A 97 5.17 -35.19 26.53
N LEU A 98 4.69 -36.00 27.48
CA LEU A 98 3.89 -37.15 27.10
C LEU A 98 2.62 -36.72 26.38
N LEU A 99 1.97 -35.67 26.88
CA LEU A 99 0.75 -35.18 26.24
C LEU A 99 1.02 -34.69 24.83
N CYS A 100 2.14 -33.98 24.63
CA CYS A 100 2.47 -33.48 23.29
C CYS A 100 2.75 -34.63 22.32
N ALA A 101 3.51 -35.64 22.77
CA ALA A 101 3.78 -36.78 21.90
C ALA A 101 2.49 -37.51 21.53
N ILE A 102 1.63 -37.75 22.52
CA ILE A 102 0.37 -38.44 22.25
C ILE A 102 -0.50 -37.61 21.29
N GLY A 103 -0.54 -36.30 21.50
CA GLY A 103 -1.35 -35.45 20.64
C GLY A 103 -0.86 -35.45 19.20
N LEU A 104 0.47 -35.37 19.01
CA LEU A 104 1.00 -35.39 17.65
C LEU A 104 0.72 -36.72 16.96
N PHE A 105 0.93 -37.83 17.68
CA PHE A 105 0.64 -39.14 17.08
C PHE A 105 -0.83 -39.28 16.72
N VAL A 106 -1.71 -38.80 17.61
CA VAL A 106 -3.15 -38.88 17.34
C VAL A 106 -3.51 -38.00 16.15
N TYR A 107 -2.88 -36.82 16.03
CA TYR A 107 -3.16 -35.95 14.90
C TYR A 107 -2.78 -36.62 13.58
N GLN A 108 -1.58 -37.21 13.52
CA GLN A 108 -1.17 -37.89 12.29
C GLN A 108 -2.11 -39.05 11.97
N SER A 109 -2.44 -39.85 12.98
CA SER A 109 -3.33 -40.99 12.76
C SER A 109 -4.69 -40.53 12.24
N LEU A 110 -5.26 -39.50 12.86
CA LEU A 110 -6.58 -39.02 12.44
C LEU A 110 -6.54 -38.41 11.05
N ASP A 111 -5.45 -37.74 10.69
CA ASP A 111 -5.33 -37.24 9.32
C ASP A 111 -5.38 -38.37 8.31
N ALA A 112 -4.56 -39.41 8.54
CA ALA A 112 -4.57 -40.53 7.61
C ALA A 112 -5.95 -41.20 7.56
N ILE A 113 -6.56 -41.39 8.74
CA ILE A 113 -7.81 -42.16 8.82
C ILE A 113 -8.96 -41.39 8.19
N ASP A 114 -9.06 -40.08 8.43
CA ASP A 114 -10.20 -39.35 7.88
C ASP A 114 -10.01 -39.12 6.39
N GLY A 115 -8.75 -39.05 5.93
CA GLY A 115 -8.54 -39.08 4.49
C GLY A 115 -9.06 -40.36 3.86
N LYS A 116 -8.69 -41.50 4.46
CA LYS A 116 -9.14 -42.79 3.92
C LYS A 116 -10.66 -42.91 3.98
N GLN A 117 -11.26 -42.48 5.08
CA GLN A 117 -12.71 -42.60 5.28
C GLN A 117 -13.50 -41.62 4.42
N ALA A 118 -12.92 -40.47 4.07
CA ALA A 118 -13.54 -39.55 3.13
C ALA A 118 -13.44 -40.01 1.69
N ARG A 119 -12.35 -40.69 1.31
CA ARG A 119 -12.29 -41.23 -0.05
C ARG A 119 -13.37 -42.29 -0.28
N ARG A 120 -13.66 -43.10 0.73
CA ARG A 120 -14.72 -44.08 0.64
C ARG A 120 -16.04 -43.47 1.16
N THR A 121 -17.13 -44.23 1.01
CA THR A 121 -18.47 -43.80 1.41
C THR A 121 -18.87 -42.50 0.70
N ASN A 122 -18.32 -42.30 -0.50
CA ASN A 122 -18.65 -41.20 -1.42
C ASN A 122 -19.04 -39.90 -0.69
N SER A 123 -18.21 -39.53 0.29
CA SER A 123 -18.40 -38.31 1.06
C SER A 123 -17.43 -37.20 0.65
N SER A 124 -16.71 -37.39 -0.45
CA SER A 124 -15.74 -36.40 -0.88
C SER A 124 -16.43 -35.11 -1.30
N SER A 125 -15.81 -33.98 -0.93
CA SER A 125 -16.35 -32.67 -1.23
C SER A 125 -15.21 -31.66 -1.26
N PRO A 126 -15.36 -30.52 -1.94
CA PRO A 126 -14.27 -29.53 -1.96
C PRO A 126 -14.02 -28.90 -0.60
N LEU A 127 -14.98 -28.99 0.31
CA LEU A 127 -14.82 -28.40 1.63
C LEU A 127 -13.82 -29.18 2.48
N GLY A 128 -13.80 -30.49 2.36
CA GLY A 128 -12.89 -31.32 3.12
C GLY A 128 -11.44 -30.95 2.84
N GLU A 129 -11.12 -30.63 1.58
CA GLU A 129 -9.78 -30.21 1.24
C GLU A 129 -9.41 -28.90 1.94
N MET A 130 -10.33 -27.93 1.98
CA MET A 130 -10.07 -26.68 2.68
C MET A 130 -9.86 -26.90 4.16
N PHE A 131 -10.70 -27.74 4.78
CA PHE A 131 -10.50 -28.07 6.20
C PHE A 131 -9.14 -28.72 6.41
N ASP A 132 -8.77 -29.66 5.54
CA ASP A 132 -7.50 -30.36 5.70
C ASP A 132 -6.33 -29.39 5.63
N HIS A 133 -6.34 -28.49 4.65
CA HIS A 133 -5.23 -27.55 4.51
C HIS A 133 -5.17 -26.53 5.64
N GLY A 134 -6.31 -26.00 6.08
CA GLY A 134 -6.29 -25.08 7.22
C GLY A 134 -5.80 -25.75 8.48
N CYS A 135 -6.29 -26.97 8.75
CA CYS A 135 -5.83 -27.70 9.92
C CYS A 135 -4.35 -28.01 9.84
N ASP A 136 -3.85 -28.34 8.63
CA ASP A 136 -2.42 -28.60 8.47
C ASP A 136 -1.61 -27.34 8.76
N SER A 137 -2.07 -26.19 8.29
CA SER A 137 -1.36 -24.94 8.56
C SER A 137 -1.26 -24.67 10.06
N ILE A 138 -2.41 -24.70 10.74
CA ILE A 138 -2.40 -24.40 12.17
C ILE A 138 -1.58 -25.43 12.93
N SER A 139 -1.73 -26.71 12.57
CA SER A 139 -1.01 -27.77 13.25
C SER A 139 0.49 -27.66 13.05
N ILE A 140 0.94 -27.29 11.85
CA ILE A 140 2.38 -27.20 11.63
C ILE A 140 2.95 -26.01 12.39
N VAL A 141 2.20 -24.90 12.45
CA VAL A 141 2.69 -23.76 13.25
C VAL A 141 2.84 -24.17 14.71
N PHE A 142 1.81 -24.79 15.28
CA PHE A 142 1.88 -25.21 16.68
C PHE A 142 2.92 -26.29 16.94
N VAL A 143 3.08 -27.25 16.04
CA VAL A 143 4.12 -28.27 16.17
C VAL A 143 5.52 -27.66 16.15
N ASN A 144 5.78 -26.71 15.25
CA ASN A 144 7.09 -26.05 15.27
C ASN A 144 7.30 -25.28 16.56
N LEU A 145 6.27 -24.59 17.06
CA LEU A 145 6.41 -23.92 18.35
C LEU A 145 6.74 -24.91 19.46
N GLY A 146 6.06 -26.06 19.47
CA GLY A 146 6.33 -27.06 20.49
C GLY A 146 7.73 -27.62 20.40
N THR A 147 8.22 -27.87 19.18
CA THR A 147 9.56 -28.44 19.04
C THR A 147 10.64 -27.42 19.36
N ILE A 148 10.34 -26.13 19.21
CA ILE A 148 11.26 -25.10 19.71
C ILE A 148 11.24 -25.08 21.23
N ALA A 149 10.05 -25.17 21.83
CA ALA A 149 9.95 -25.10 23.28
C ALA A 149 10.63 -26.29 23.97
N ALA A 150 10.50 -27.49 23.40
CA ALA A 150 11.00 -28.68 24.08
C ALA A 150 12.53 -28.73 24.08
N VAL A 151 13.15 -28.40 22.94
CA VAL A 151 14.61 -28.46 22.83
C VAL A 151 15.29 -27.39 23.67
N ARG A 152 14.56 -26.38 24.11
CA ARG A 152 15.11 -25.22 24.82
C ARG A 152 16.11 -24.49 23.92
N LEU A 153 15.60 -24.04 22.77
CA LEU A 153 16.41 -23.30 21.81
C LEU A 153 16.37 -21.80 22.11
N GLY A 154 16.69 -21.46 23.36
CA GLY A 154 16.72 -20.08 23.80
C GLY A 154 18.12 -19.68 24.24
N THR A 155 18.99 -20.67 24.42
CA THR A 155 20.40 -20.43 24.71
C THR A 155 21.20 -20.09 23.46
N LEU A 156 20.58 -20.18 22.30
CA LEU A 156 21.20 -19.80 21.02
C LEU A 156 20.28 -18.81 20.33
N PRO A 157 20.30 -17.55 20.75
CA PRO A 157 19.33 -16.57 20.23
C PRO A 157 19.46 -16.31 18.73
N GLY A 158 20.61 -16.59 18.13
CA GLY A 158 20.75 -16.37 16.70
C GLY A 158 19.86 -17.30 15.88
N TRP A 159 19.82 -18.58 16.24
CA TRP A 159 19.05 -19.57 15.49
C TRP A 159 17.67 -19.74 16.12
N MET A 160 16.93 -18.64 16.17
CA MET A 160 15.60 -18.69 16.78
C MET A 160 14.49 -18.09 15.91
N PHE A 161 14.76 -17.02 15.15
CA PHE A 161 13.83 -16.59 14.10
C PHE A 161 13.75 -17.64 13.01
N TYR A 162 14.89 -18.23 12.68
CA TYR A 162 15.02 -19.05 11.48
C TYR A 162 14.07 -20.25 11.52
N CYS A 163 14.03 -20.98 12.63
CA CYS A 163 13.29 -22.23 12.66
C CYS A 163 11.79 -22.00 12.46
N CYS A 164 11.21 -21.11 13.27
CA CYS A 164 9.78 -20.83 13.17
C CYS A 164 9.44 -20.32 11.78
N PHE A 165 10.15 -19.31 11.31
CA PHE A 165 9.73 -18.76 10.04
C PHE A 165 10.15 -19.59 8.85
N VAL A 166 11.05 -20.56 9.00
CA VAL A 166 11.35 -21.45 7.89
C VAL A 166 10.30 -22.55 7.81
N GLY A 167 9.76 -22.98 8.95
CA GLY A 167 8.60 -23.85 8.90
C GLY A 167 7.42 -23.18 8.21
N MET A 168 7.14 -21.94 8.60
CA MET A 168 6.08 -21.16 7.94
C MET A 168 6.34 -21.01 6.44
N PHE A 169 7.57 -20.61 6.09
CA PHE A 169 7.94 -20.39 4.69
C PHE A 169 7.86 -21.68 3.89
N MET A 170 8.29 -22.81 4.48
CA MET A 170 8.27 -24.08 3.78
C MET A 170 6.84 -24.52 3.48
N PHE A 171 5.93 -24.38 4.45
CA PHE A 171 4.56 -24.78 4.16
C PHE A 171 3.94 -23.86 3.11
N TYR A 172 4.17 -22.55 3.22
CA TYR A 172 3.58 -21.65 2.24
C TYR A 172 4.18 -21.88 0.86
N CYS A 173 5.45 -22.30 0.81
CA CYS A 173 6.05 -22.62 -0.48
C CYS A 173 5.55 -23.93 -1.04
N ALA A 174 5.17 -24.88 -0.19
CA ALA A 174 4.49 -26.07 -0.68
C ALA A 174 3.17 -25.71 -1.33
N GLN A 175 2.41 -24.83 -0.68
CA GLN A 175 1.17 -24.34 -1.29
C GLN A 175 1.44 -23.58 -2.58
N TRP A 176 2.50 -22.76 -2.59
CA TRP A 176 2.86 -21.98 -3.78
C TRP A 176 3.26 -22.88 -4.94
N GLN A 177 3.99 -23.95 -4.65
CA GLN A 177 4.26 -24.97 -5.66
C GLN A 177 2.98 -25.60 -6.16
N THR A 178 2.02 -25.85 -5.26
CA THR A 178 0.74 -26.41 -5.69
C THR A 178 0.01 -25.45 -6.63
N TYR A 179 0.09 -24.15 -6.36
CA TYR A 179 -0.64 -23.16 -7.16
C TYR A 179 -0.17 -23.12 -8.61
N VAL A 180 1.13 -23.28 -8.84
CA VAL A 180 1.72 -23.13 -10.17
C VAL A 180 1.66 -24.45 -10.94
N CYS A 181 1.07 -25.48 -10.35
CA CYS A 181 0.94 -26.78 -11.01
C CYS A 181 -0.44 -27.35 -10.75
N GLY A 182 -0.64 -28.62 -11.07
CA GLY A 182 -1.97 -29.21 -10.95
C GLY A 182 -2.07 -30.38 -10.00
N THR A 183 -0.93 -30.97 -9.63
CA THR A 183 -0.91 -32.15 -8.78
C THR A 183 0.05 -31.95 -7.62
N LEU A 184 -0.30 -32.50 -6.46
CA LEU A 184 0.60 -32.49 -5.32
C LEU A 184 1.75 -33.47 -5.56
N LYS A 185 2.96 -33.01 -5.31
CA LYS A 185 4.16 -33.85 -5.44
C LYS A 185 4.75 -34.08 -4.07
N PHE A 186 4.91 -35.35 -3.70
CA PHE A 186 5.43 -35.72 -2.39
C PHE A 186 6.88 -36.14 -2.49
N GLY A 187 7.71 -35.60 -1.60
CA GLY A 187 9.12 -35.94 -1.54
C GLY A 187 9.38 -37.18 -0.73
N ILE A 188 10.63 -37.30 -0.26
CA ILE A 188 11.05 -38.45 0.52
C ILE A 188 11.36 -38.03 1.95
N ILE A 189 11.39 -36.72 2.19
CA ILE A 189 11.71 -36.18 3.51
C ILE A 189 10.51 -35.32 3.89
N ASP A 190 9.32 -35.78 3.52
CA ASP A 190 8.11 -34.99 3.67
C ASP A 190 7.62 -35.03 5.12
N VAL A 191 6.37 -34.60 5.31
CA VAL A 191 5.84 -34.30 6.64
C VAL A 191 5.85 -35.53 7.54
N THR A 192 5.70 -36.72 6.95
CA THR A 192 5.61 -37.94 7.75
C THR A 192 6.88 -38.16 8.56
N GLU A 193 8.05 -38.06 7.92
CA GLU A 193 9.31 -38.26 8.63
C GLU A 193 9.53 -37.17 9.68
N LEU A 194 9.16 -35.93 9.35
CA LEU A 194 9.30 -34.83 10.31
C LEU A 194 8.46 -35.08 11.55
N GLN A 195 7.21 -35.52 11.36
CA GLN A 195 6.34 -35.80 12.50
C GLN A 195 6.85 -36.98 13.31
N ILE A 196 7.35 -38.02 12.65
CA ILE A 196 7.91 -39.17 13.38
C ILE A 196 9.11 -38.74 14.21
N SER A 197 9.99 -37.92 13.61
CA SER A 197 11.16 -37.44 14.32
C SER A 197 10.77 -36.59 15.52
N VAL A 198 9.79 -35.71 15.35
CA VAL A 198 9.35 -34.87 16.46
C VAL A 198 8.72 -35.72 17.56
N THR A 199 7.93 -36.73 17.20
CA THR A 199 7.31 -37.59 18.21
C THR A 199 8.36 -38.35 19.00
N VAL A 200 9.34 -38.96 18.31
CA VAL A 200 10.36 -39.70 19.02
C VAL A 200 11.24 -38.77 19.84
N MET A 201 11.47 -37.54 19.36
CA MET A 201 12.23 -36.57 20.12
C MET A 201 11.50 -36.18 21.41
N PHE A 202 10.19 -35.94 21.32
CA PHE A 202 9.42 -35.64 22.52
C PHE A 202 9.46 -36.81 23.51
N LEU A 203 9.30 -38.03 23.01
CA LEU A 203 9.32 -39.19 23.89
C LEU A 203 10.66 -39.36 24.58
N MET A 204 11.75 -39.19 23.83
CA MET A 204 13.08 -39.32 24.40
C MET A 204 13.36 -38.22 25.43
N THR A 205 12.97 -36.99 25.11
CA THR A 205 13.16 -35.88 26.04
C THR A 205 12.35 -36.10 27.32
N ALA A 206 11.14 -36.65 27.19
CA ALA A 206 10.35 -36.96 28.36
C ALA A 206 11.03 -38.03 29.22
N VAL A 207 11.43 -39.15 28.61
CA VAL A 207 11.92 -40.29 29.37
C VAL A 207 13.25 -39.96 30.03
N CYS A 208 14.09 -39.17 29.35
CA CYS A 208 15.42 -38.89 29.87
C CYS A 208 15.52 -37.53 30.57
N GLY A 209 14.55 -36.64 30.36
CA GLY A 209 14.58 -35.34 30.98
C GLY A 209 14.96 -34.24 30.01
N PRO A 210 14.56 -33.00 30.32
CA PRO A 210 14.81 -31.88 29.40
C PRO A 210 16.28 -31.56 29.23
N GLU A 211 17.12 -32.05 30.13
CA GLU A 211 18.55 -31.73 30.15
C GLU A 211 19.36 -32.61 29.21
N LEU A 212 18.70 -33.51 28.47
CA LEU A 212 19.42 -34.35 27.50
C LEU A 212 20.15 -33.51 26.47
N TRP A 213 19.57 -32.39 26.07
CA TRP A 213 20.19 -31.50 25.09
C TRP A 213 21.31 -30.67 25.70
N ASP A 214 21.60 -30.86 26.99
CA ASP A 214 22.76 -30.28 27.65
C ASP A 214 23.71 -31.39 28.10
N TYR A 215 23.90 -32.39 27.23
CA TYR A 215 24.72 -33.56 27.51
C TYR A 215 25.77 -33.67 26.42
N GLU A 216 26.50 -32.57 26.22
CA GLU A 216 27.37 -32.29 25.08
C GLU A 216 28.16 -33.49 24.56
N ILE A 217 28.19 -33.62 23.23
CA ILE A 217 28.77 -34.73 22.47
C ILE A 217 30.27 -34.83 22.75
N PRO A 218 30.79 -36.04 22.98
CA PRO A 218 32.19 -36.18 23.46
C PRO A 218 33.22 -35.32 22.75
N PHE A 219 32.96 -34.84 21.54
CA PHE A 219 33.93 -34.07 20.78
C PHE A 219 33.30 -32.77 20.26
N THR A 220 34.17 -31.86 19.81
CA THR A 220 33.90 -30.66 19.01
C THR A 220 33.34 -29.51 19.86
N GLY A 221 33.07 -29.72 21.15
CA GLY A 221 32.54 -28.72 22.08
C GLY A 221 31.15 -28.25 21.70
N LEU A 222 30.49 -28.88 20.72
CA LEU A 222 29.16 -28.47 20.32
C LEU A 222 28.11 -29.21 21.14
N PRO A 223 27.05 -28.54 21.58
CA PRO A 223 26.01 -29.21 22.38
C PRO A 223 25.19 -30.20 21.56
N MET A 224 24.24 -30.88 22.21
CA MET A 224 23.42 -31.87 21.53
C MET A 224 22.48 -31.23 20.51
N LYS A 225 22.03 -30.00 20.76
CA LYS A 225 20.99 -29.40 19.93
C LYS A 225 21.44 -29.20 18.49
N THR A 226 22.74 -29.27 18.20
CA THR A 226 23.18 -29.15 16.82
C THR A 226 22.74 -30.33 15.97
N ILE A 227 22.47 -31.49 16.61
CA ILE A 227 22.02 -32.65 15.85
C ILE A 227 20.65 -32.42 15.21
N PRO A 228 19.63 -31.93 15.92
CA PRO A 228 18.38 -31.58 15.21
C PRO A 228 18.55 -30.43 14.22
N LEU A 229 19.08 -29.29 14.69
CA LEU A 229 19.07 -28.08 13.87
C LEU A 229 19.69 -28.31 12.50
N LEU A 230 20.90 -28.87 12.46
CA LEU A 230 21.55 -29.15 11.18
C LEU A 230 20.63 -29.95 10.27
N GLY A 231 20.07 -31.05 10.78
CA GLY A 231 19.15 -31.82 9.97
C GLY A 231 18.03 -30.98 9.42
N ILE A 232 17.40 -30.18 10.28
CA ILE A 232 16.35 -29.26 9.84
C ILE A 232 16.84 -28.47 8.64
N ILE A 233 17.99 -27.79 8.78
CA ILE A 233 18.49 -26.98 7.68
C ILE A 233 18.62 -27.82 6.43
N GLY A 234 19.27 -28.98 6.55
CA GLY A 234 19.42 -29.84 5.39
C GLY A 234 18.07 -30.16 4.78
N GLY A 235 17.13 -30.63 5.58
CA GLY A 235 15.81 -30.93 5.06
C GLY A 235 15.22 -29.73 4.35
N THR A 236 15.29 -28.56 5.01
CA THR A 236 14.75 -27.36 4.40
C THR A 236 15.33 -27.17 3.01
N VAL A 237 16.66 -27.19 2.91
CA VAL A 237 17.31 -27.01 1.61
C VAL A 237 16.69 -27.94 0.59
N TYR A 238 16.70 -29.24 0.90
CA TYR A 238 16.17 -30.21 -0.05
C TYR A 238 14.75 -29.83 -0.44
N SER A 239 13.89 -29.63 0.56
CA SER A 239 12.50 -29.30 0.26
C SER A 239 12.44 -28.08 -0.63
N CYS A 240 13.10 -26.99 -0.21
CA CYS A 240 13.02 -25.76 -0.98
C CYS A 240 13.44 -26.01 -2.42
N SER A 241 14.55 -26.72 -2.61
CA SER A 241 15.04 -27.01 -3.95
C SER A 241 13.90 -27.52 -4.82
N ASN A 242 13.29 -28.63 -4.40
CA ASN A 242 12.25 -29.25 -5.21
C ASN A 242 11.18 -28.22 -5.56
N TYR A 243 10.65 -27.54 -4.55
CA TYR A 243 9.56 -26.61 -4.81
C TYR A 243 9.97 -25.59 -5.86
N PHE A 244 11.14 -24.98 -5.69
CA PHE A 244 11.51 -23.90 -6.58
C PHE A 244 11.65 -24.39 -8.01
N ARG A 245 12.13 -25.62 -8.19
CA ARG A 245 12.26 -26.14 -9.54
C ARG A 245 10.89 -26.24 -10.21
N VAL A 246 9.89 -26.74 -9.48
CA VAL A 246 8.55 -26.86 -10.05
C VAL A 246 8.01 -25.48 -10.36
N ILE A 247 8.47 -24.46 -9.62
CA ILE A 247 8.01 -23.11 -9.89
C ILE A 247 8.52 -22.61 -11.23
N LEU A 248 9.75 -22.97 -11.59
CA LEU A 248 10.39 -22.35 -12.75
C LEU A 248 10.28 -23.23 -14.00
N SER A 249 10.77 -24.46 -13.93
CA SER A 249 10.75 -25.33 -15.11
C SER A 249 9.33 -25.69 -15.54
N GLY A 250 8.45 -25.92 -14.57
CA GLY A 250 7.12 -26.43 -14.83
C GLY A 250 6.11 -25.32 -15.06
N GLY A 251 5.22 -25.55 -16.03
CA GLY A 251 4.11 -24.66 -16.31
C GLY A 251 2.96 -25.40 -16.98
N VAL A 252 1.73 -25.16 -16.50
CA VAL A 252 0.58 -25.91 -17.00
C VAL A 252 -0.35 -25.07 -17.88
N GLY A 253 -0.28 -23.74 -17.78
CA GLY A 253 -1.16 -22.90 -18.57
C GLY A 253 -0.78 -22.80 -20.03
N LYS A 254 -1.12 -21.67 -20.67
CA LYS A 254 -0.73 -21.47 -22.07
C LYS A 254 0.78 -21.45 -22.24
N ASN A 255 1.50 -21.15 -21.16
CA ASN A 255 2.96 -21.11 -21.13
C ASN A 255 3.39 -21.59 -19.74
N GLY A 256 4.63 -21.29 -19.37
CA GLY A 256 5.08 -21.58 -18.02
C GLY A 256 4.32 -20.81 -16.95
N SER A 257 3.37 -19.99 -17.37
CA SER A 257 2.60 -19.13 -16.47
C SER A 257 1.71 -19.92 -15.52
N THR A 258 1.05 -19.22 -14.61
CA THR A 258 0.21 -19.81 -13.60
C THR A 258 -1.02 -20.47 -14.24
N VAL A 259 -1.57 -21.47 -13.55
CA VAL A 259 -2.77 -22.17 -14.03
C VAL A 259 -3.93 -21.21 -14.21
N ALA A 260 -3.96 -20.11 -13.44
CA ALA A 260 -4.98 -19.10 -13.61
C ALA A 260 -4.64 -18.08 -14.69
N GLY A 261 -3.48 -18.22 -15.33
CA GLY A 261 -3.06 -17.30 -16.37
C GLY A 261 -2.26 -16.11 -15.87
N THR A 262 -2.11 -15.95 -14.57
CA THR A 262 -1.37 -14.82 -14.02
C THR A 262 0.13 -15.11 -14.00
N SER A 263 0.88 -14.19 -13.41
CA SER A 263 2.32 -14.36 -13.29
C SER A 263 2.64 -15.50 -12.32
N VAL A 264 3.85 -16.04 -12.47
CA VAL A 264 4.28 -17.18 -11.65
C VAL A 264 4.73 -16.77 -10.26
N LEU A 265 5.20 -15.54 -10.08
CA LEU A 265 5.83 -15.12 -8.84
C LEU A 265 5.01 -14.08 -8.10
N SER A 266 3.68 -14.20 -8.13
CA SER A 266 2.84 -13.22 -7.45
C SER A 266 2.72 -13.48 -5.95
N PRO A 267 2.39 -14.70 -5.49
CA PRO A 267 2.32 -14.92 -4.02
C PRO A 267 3.67 -14.77 -3.33
N GLY A 268 4.76 -14.86 -4.09
CA GLY A 268 6.06 -14.56 -3.53
C GLY A 268 6.12 -13.19 -2.92
N LEU A 269 5.44 -12.22 -3.53
CA LEU A 269 5.34 -10.89 -2.92
C LEU A 269 4.63 -10.96 -1.58
N HIS A 270 3.56 -11.75 -1.47
CA HIS A 270 2.86 -11.88 -0.21
C HIS A 270 3.79 -12.40 0.89
N ILE A 271 4.46 -13.51 0.64
CA ILE A 271 5.29 -14.07 1.70
C ILE A 271 6.51 -13.20 1.97
N GLY A 272 7.07 -12.56 0.93
CA GLY A 272 8.19 -11.66 1.15
C GLY A 272 7.78 -10.46 2.00
N LEU A 273 6.60 -9.91 1.75
CA LEU A 273 6.10 -8.82 2.56
C LEU A 273 5.93 -9.25 4.02
N VAL A 274 5.33 -10.42 4.23
CA VAL A 274 5.09 -10.87 5.60
C VAL A 274 6.41 -11.06 6.35
N LEU A 275 7.35 -11.78 5.73
CA LEU A 275 8.62 -12.06 6.41
C LEU A 275 9.47 -10.80 6.56
N LEU A 276 9.45 -9.92 5.57
CA LEU A 276 10.21 -8.67 5.68
C LEU A 276 9.65 -7.78 6.78
N LEU A 277 8.32 -7.70 6.90
CA LEU A 277 7.73 -6.93 7.99
C LEU A 277 8.07 -7.54 9.34
N ALA A 278 8.03 -8.88 9.44
CA ALA A 278 8.41 -9.54 10.68
C ALA A 278 9.85 -9.22 11.05
N LEU A 279 10.77 -9.31 10.09
CA LEU A 279 12.18 -9.02 10.35
C LEU A 279 12.39 -7.56 10.72
N MET A 280 11.69 -6.64 10.04
CA MET A 280 11.86 -5.22 10.31
C MET A 280 11.36 -4.87 11.72
N ILE A 281 10.24 -5.46 12.13
CA ILE A 281 9.77 -5.22 13.50
C ILE A 281 10.70 -5.89 14.51
N TYR A 282 11.27 -7.05 14.16
CA TYR A 282 12.20 -7.74 15.04
C TYR A 282 13.45 -6.91 15.30
N LYS A 283 14.02 -6.31 14.25
CA LYS A 283 15.33 -5.71 14.34
C LYS A 283 15.34 -4.32 14.97
N LYS A 284 14.18 -3.69 15.14
CA LYS A 284 14.14 -2.35 15.70
C LYS A 284 13.18 -2.29 16.88
N SER A 285 13.28 -3.26 17.79
CA SER A 285 12.40 -3.32 18.94
C SER A 285 12.77 -2.32 20.02
N THR A 286 14.07 -2.16 20.29
CA THR A 286 14.65 -1.30 21.33
C THR A 286 14.30 -1.76 22.74
N THR A 287 13.49 -2.82 22.89
CA THR A 287 13.16 -3.37 24.19
C THR A 287 13.19 -4.89 24.18
N ASN A 288 13.81 -5.50 23.16
CA ASN A 288 13.86 -6.95 22.98
C ASN A 288 12.44 -7.54 23.01
N LEU A 289 11.67 -7.12 22.00
CA LEU A 289 10.29 -7.57 21.89
C LEU A 289 10.20 -9.08 21.64
N PHE A 290 11.14 -9.62 20.87
CA PHE A 290 11.07 -11.01 20.43
C PHE A 290 11.64 -11.98 21.46
N LEU A 291 12.79 -11.65 22.04
CA LEU A 291 13.49 -12.60 22.90
C LEU A 291 12.83 -12.77 24.26
N GLN A 292 11.88 -11.91 24.63
CA GLN A 292 11.11 -12.11 25.85
C GLN A 292 9.66 -12.50 25.60
N ASN A 293 9.15 -12.31 24.39
CA ASN A 293 7.82 -12.78 24.01
C ASN A 293 7.89 -13.51 22.66
N PRO A 294 8.57 -14.66 22.62
CA PRO A 294 8.66 -15.38 21.35
C PRO A 294 7.37 -16.06 20.95
N CYS A 295 6.69 -16.71 21.90
CA CYS A 295 5.50 -17.47 21.57
C CYS A 295 4.39 -16.58 21.04
N LEU A 296 4.15 -15.44 21.69
CA LEU A 296 3.11 -14.52 21.21
C LEU A 296 3.41 -13.99 19.82
N TYR A 297 4.66 -13.60 19.56
CA TYR A 297 5.12 -13.12 18.26
C TYR A 297 4.90 -14.16 17.17
N THR A 298 5.38 -15.38 17.41
CA THR A 298 5.22 -16.44 16.42
C THR A 298 3.75 -16.80 16.22
N LEU A 299 2.94 -16.77 17.28
CA LEU A 299 1.53 -17.09 17.13
C LEU A 299 0.80 -16.03 16.31
N ALA A 300 1.08 -14.75 16.56
CA ALA A 300 0.43 -13.69 15.79
C ALA A 300 0.79 -13.80 14.32
N PHE A 301 2.08 -13.91 14.01
CA PHE A 301 2.45 -14.00 12.60
C PHE A 301 2.04 -15.34 12.00
N GLY A 302 1.88 -16.38 12.82
CA GLY A 302 1.37 -17.64 12.33
C GLY A 302 -0.09 -17.55 11.92
N PHE A 303 -0.89 -16.83 12.70
CA PHE A 303 -2.28 -16.60 12.29
C PHE A 303 -2.34 -15.77 11.01
N VAL A 304 -1.48 -14.74 10.92
CA VAL A 304 -1.47 -13.94 9.70
C VAL A 304 -1.13 -14.80 8.48
N SER A 305 -0.06 -15.59 8.57
CA SER A 305 0.32 -16.45 7.46
C SER A 305 -0.69 -17.56 7.22
N ALA A 306 -1.40 -17.99 8.26
CA ALA A 306 -2.45 -18.97 8.07
C ALA A 306 -3.57 -18.41 7.21
N LYS A 307 -3.96 -17.16 7.45
CA LYS A 307 -4.96 -16.55 6.57
C LYS A 307 -4.42 -16.38 5.15
N ILE A 308 -3.17 -15.91 5.02
CA ILE A 308 -2.57 -15.74 3.71
C ILE A 308 -2.39 -17.06 2.96
N THR A 309 -2.30 -18.18 3.67
CA THR A 309 -2.18 -19.49 3.06
C THR A 309 -3.53 -20.11 2.73
N ILE A 310 -4.54 -19.89 3.57
CA ILE A 310 -5.91 -20.29 3.25
C ILE A 310 -6.45 -19.54 2.05
N LYS A 311 -6.08 -18.27 1.85
CA LYS A 311 -6.50 -17.58 0.64
C LYS A 311 -5.99 -18.29 -0.62
N LEU A 312 -4.72 -18.70 -0.62
CA LEU A 312 -4.17 -19.37 -1.79
C LEU A 312 -4.80 -20.74 -2.01
N VAL A 313 -5.28 -21.39 -0.93
CA VAL A 313 -5.96 -22.67 -1.07
C VAL A 313 -7.21 -22.51 -1.92
N ILE A 314 -8.06 -21.55 -1.56
CA ILE A 314 -9.24 -21.24 -2.35
C ILE A 314 -8.82 -20.76 -3.73
N ALA A 315 -7.69 -20.06 -3.82
CA ALA A 315 -7.23 -19.54 -5.11
C ALA A 315 -6.95 -20.67 -6.10
N HIS A 316 -6.23 -21.71 -5.67
CA HIS A 316 -5.91 -22.76 -6.64
C HIS A 316 -6.97 -23.85 -6.72
N MET A 317 -7.87 -23.95 -5.73
CA MET A 317 -9.06 -24.77 -5.94
C MET A 317 -9.94 -24.18 -7.04
N THR A 318 -10.11 -22.87 -7.03
CA THR A 318 -10.77 -22.16 -8.11
C THR A 318 -9.70 -21.78 -9.13
N LYS A 319 -10.03 -20.95 -10.12
CA LYS A 319 -9.07 -20.49 -11.10
C LYS A 319 -8.93 -18.97 -11.11
N SER A 320 -9.22 -18.32 -10.00
CA SER A 320 -9.24 -16.86 -9.92
C SER A 320 -7.84 -16.33 -9.65
N GLU A 321 -7.75 -15.04 -9.34
CA GLU A 321 -6.49 -14.35 -9.10
C GLU A 321 -6.51 -13.71 -7.72
N ILE A 322 -5.34 -13.71 -7.07
CA ILE A 322 -5.19 -13.16 -5.73
C ILE A 322 -4.68 -11.73 -5.81
N SER A 323 -4.90 -10.97 -4.74
CA SER A 323 -4.43 -9.61 -4.61
C SER A 323 -3.41 -9.53 -3.49
N LEU A 324 -2.72 -8.38 -3.43
CA LEU A 324 -1.70 -8.15 -2.40
C LEU A 324 -2.25 -7.15 -1.40
N GLN A 325 -3.53 -7.26 -1.08
CA GLN A 325 -4.17 -6.33 -0.17
C GLN A 325 -5.22 -7.09 0.62
N ASP A 326 -4.96 -7.31 1.91
CA ASP A 326 -5.85 -8.09 2.76
C ASP A 326 -6.06 -7.35 4.07
N THR A 327 -7.20 -7.62 4.70
CA THR A 327 -7.47 -7.11 6.04
C THR A 327 -6.88 -7.98 7.15
N ALA A 328 -5.61 -8.34 7.00
CA ALA A 328 -4.88 -9.11 8.01
C ALA A 328 -3.60 -8.43 8.45
N PHE A 329 -3.15 -7.41 7.73
CA PHE A 329 -1.97 -6.63 8.12
C PHE A 329 -2.30 -5.58 9.17
N ILE A 330 -3.47 -5.69 9.82
CA ILE A 330 -3.82 -4.73 10.86
C ILE A 330 -2.86 -4.84 12.04
N GLY A 331 -2.54 -6.06 12.43
CA GLY A 331 -1.61 -6.28 13.53
C GLY A 331 -0.21 -5.79 13.22
N PRO A 332 0.40 -6.34 12.16
CA PRO A 332 1.71 -5.81 11.74
C PRO A 332 1.68 -4.32 11.42
N GLY A 333 0.57 -3.82 10.89
CA GLY A 333 0.46 -2.39 10.64
C GLY A 333 0.52 -1.57 11.92
N LEU A 334 -0.21 -2.01 12.95
CA LEU A 334 -0.16 -1.33 14.24
C LEU A 334 1.24 -1.38 14.84
N LEU A 335 1.89 -2.54 14.75
CA LEU A 335 3.27 -2.63 15.27
C LEU A 335 4.20 -1.69 14.51
N PHE A 336 4.11 -1.65 13.19
CA PHE A 336 5.00 -0.81 12.40
C PHE A 336 4.77 0.67 12.68
N PHE A 337 3.50 1.08 12.76
CA PHE A 337 3.19 2.49 13.00
C PHE A 337 3.33 2.89 14.45
N ASN A 338 3.41 1.94 15.37
CA ASN A 338 3.79 2.23 16.75
C ASN A 338 5.30 2.26 16.92
N GLN A 339 6.05 1.60 16.03
CA GLN A 339 7.50 1.76 15.98
C GLN A 339 7.95 3.03 15.27
N TYR A 340 7.19 3.52 14.29
CA TYR A 340 7.58 4.77 13.62
C TYR A 340 7.54 5.94 14.59
N PHE A 341 6.38 6.24 15.15
CA PHE A 341 6.31 7.09 16.32
C PHE A 341 7.09 6.43 17.45
N ASN A 342 7.91 7.22 18.15
CA ASN A 342 9.00 6.63 18.92
C ASN A 342 8.51 5.61 19.93
N SER A 343 7.84 6.05 21.00
CA SER A 343 7.16 5.13 21.90
C SER A 343 6.13 5.88 22.76
N PHE A 344 4.85 5.77 22.41
CA PHE A 344 3.83 6.30 23.32
C PHE A 344 3.07 5.16 23.98
N ILE A 345 2.73 4.12 23.21
CA ILE A 345 2.21 2.90 23.79
C ILE A 345 3.34 1.89 23.93
N ASP A 346 3.49 1.31 25.12
CA ASP A 346 4.54 0.34 25.36
C ASP A 346 4.33 -0.90 24.48
N GLU A 347 5.45 -1.48 24.04
CA GLU A 347 5.41 -2.60 23.10
C GLU A 347 5.20 -3.95 23.78
N TYR A 348 4.17 -4.07 24.62
CA TYR A 348 3.72 -5.36 25.12
C TYR A 348 2.21 -5.52 25.08
N ILE A 349 1.46 -4.42 25.09
CA ILE A 349 0.01 -4.51 24.90
C ILE A 349 -0.35 -4.51 23.41
N VAL A 350 0.42 -3.79 22.59
CA VAL A 350 0.18 -3.77 21.15
C VAL A 350 0.31 -5.16 20.55
N LEU A 351 1.27 -5.95 21.05
CA LEU A 351 1.40 -7.34 20.58
C LEU A 351 0.15 -8.15 20.87
N TRP A 352 -0.40 -8.01 22.09
CA TRP A 352 -1.61 -8.75 22.43
C TRP A 352 -2.79 -8.30 21.58
N ILE A 353 -2.92 -6.99 21.35
CA ILE A 353 -4.01 -6.49 20.51
C ILE A 353 -3.88 -7.04 19.10
N ALA A 354 -2.65 -7.04 18.56
CA ALA A 354 -2.44 -7.56 17.22
C ALA A 354 -2.79 -9.04 17.13
N MET A 355 -2.37 -9.82 18.13
CA MET A 355 -2.68 -11.25 18.14
C MET A 355 -4.19 -11.49 18.19
N VAL A 356 -4.90 -10.75 19.04
CA VAL A 356 -6.34 -10.93 19.16
C VAL A 356 -7.03 -10.55 17.85
N ILE A 357 -6.62 -9.43 17.25
CA ILE A 357 -7.23 -8.99 15.99
C ILE A 357 -7.00 -10.02 14.90
N SER A 358 -5.76 -10.54 14.78
CA SER A 358 -5.47 -11.52 13.75
C SER A 358 -6.28 -12.80 13.97
N PHE A 359 -6.38 -13.27 15.20
CA PHE A 359 -7.14 -14.49 15.47
C PHE A 359 -8.61 -14.29 15.14
N ALA A 360 -9.18 -13.15 15.54
CA ALA A 360 -10.58 -12.87 15.25
C ALA A 360 -10.84 -12.80 13.75
N ASP A 361 -9.94 -12.14 13.01
CA ASP A 361 -10.11 -12.02 11.56
C ASP A 361 -10.04 -13.39 10.89
N LEU A 362 -9.07 -14.22 11.31
CA LEU A 362 -8.96 -15.56 10.75
C LEU A 362 -10.21 -16.38 11.02
N LEU A 363 -10.71 -16.34 12.25
CA LEU A 363 -11.91 -17.10 12.58
C LEU A 363 -13.12 -16.62 11.78
N ARG A 364 -13.27 -15.29 11.64
CA ARG A 364 -14.38 -14.76 10.86
C ARG A 364 -14.30 -15.20 9.41
N TYR A 365 -13.11 -15.12 8.81
CA TYR A 365 -12.96 -15.51 7.41
C TYR A 365 -13.29 -16.98 7.22
N CYS A 366 -12.76 -17.84 8.11
CA CYS A 366 -13.01 -19.27 7.98
C CYS A 366 -14.49 -19.59 8.13
N ILE A 367 -15.14 -19.00 9.13
CA ILE A 367 -16.56 -19.27 9.34
C ILE A 367 -17.39 -18.81 8.16
N SER A 368 -17.09 -17.61 7.62
CA SER A 368 -17.86 -17.10 6.50
C SER A 368 -17.71 -17.99 5.27
N VAL A 369 -16.47 -18.40 4.97
CA VAL A 369 -16.25 -19.26 3.80
C VAL A 369 -16.95 -20.59 3.98
N CYS A 370 -16.83 -21.19 5.17
CA CYS A 370 -17.47 -22.48 5.43
C CYS A 370 -18.99 -22.37 5.28
N LEU A 371 -19.58 -21.31 5.82
CA LEU A 371 -21.02 -21.15 5.73
C LEU A 371 -21.48 -20.96 4.29
N GLN A 372 -20.75 -20.15 3.51
CA GLN A 372 -21.14 -19.94 2.12
C GLN A 372 -21.05 -21.23 1.32
N ILE A 373 -19.96 -21.99 1.50
CA ILE A 373 -19.81 -23.24 0.76
C ILE A 373 -20.88 -24.25 1.18
N ALA A 374 -21.20 -24.31 2.48
CA ALA A 374 -22.25 -25.20 2.94
C ALA A 374 -23.60 -24.82 2.34
N THR A 375 -23.89 -23.51 2.28
CA THR A 375 -25.16 -23.06 1.72
C THR A 375 -25.25 -23.43 0.24
N HIS A 376 -24.17 -23.25 -0.50
CA HIS A 376 -24.21 -23.61 -1.92
C HIS A 376 -24.36 -25.11 -2.12
N LEU A 377 -23.50 -25.90 -1.49
CA LEU A 377 -23.42 -27.33 -1.77
C LEU A 377 -24.37 -28.18 -0.93
N ARG A 378 -25.02 -27.60 0.09
CA ARG A 378 -26.01 -28.28 0.95
C ARG A 378 -25.48 -29.64 1.42
N ILE A 379 -24.36 -29.57 2.16
CA ILE A 379 -23.61 -30.74 2.54
C ILE A 379 -23.62 -31.01 4.03
N SER A 380 -24.17 -30.11 4.85
CA SER A 380 -24.28 -30.32 6.29
C SER A 380 -22.91 -30.59 6.93
N VAL A 381 -22.10 -29.52 6.93
CA VAL A 381 -20.66 -29.57 7.15
C VAL A 381 -20.22 -30.59 8.19
N PHE A 382 -20.91 -30.65 9.33
CA PHE A 382 -20.57 -31.61 10.37
C PHE A 382 -21.43 -32.86 10.33
N ARG A 383 -22.69 -32.74 9.89
CA ARG A 383 -23.59 -33.87 9.73
C ARG A 383 -23.62 -34.80 10.93
N PRO B 20 0.12 4.18 -21.92
CA PRO B 20 -0.39 5.09 -20.90
C PRO B 20 -1.91 5.07 -20.83
N LEU B 21 -2.57 5.21 -21.97
CA LEU B 21 -4.02 5.20 -22.07
C LEU B 21 -4.46 3.98 -22.86
N SER B 22 -5.43 3.24 -22.34
CA SER B 22 -5.92 2.05 -23.02
C SER B 22 -6.72 2.45 -24.27
N ALA B 23 -6.99 1.46 -25.11
CA ALA B 23 -7.72 1.72 -26.35
C ALA B 23 -9.12 2.24 -26.07
N GLN B 24 -9.80 1.67 -25.09
CA GLN B 24 -11.16 2.10 -24.77
C GLN B 24 -11.17 3.55 -24.27
N GLN B 25 -10.23 3.89 -23.38
CA GLN B 25 -10.14 5.26 -22.88
C GLN B 25 -9.86 6.23 -24.02
N LEU B 26 -8.93 5.87 -24.90
CA LEU B 26 -8.58 6.74 -26.02
C LEU B 26 -9.75 6.92 -26.97
N LYS B 27 -10.55 5.86 -27.15
CA LYS B 27 -11.76 5.97 -27.96
C LYS B 27 -12.77 6.90 -27.30
N LYS B 28 -12.95 6.79 -25.99
CA LYS B 28 -13.87 7.70 -25.29
C LYS B 28 -13.33 9.12 -25.20
N LEU B 29 -12.06 9.34 -25.49
CA LEU B 29 -11.52 10.71 -25.46
C LEU B 29 -12.23 11.60 -26.47
N GLU B 30 -12.49 11.09 -27.67
CA GLU B 30 -13.20 11.87 -28.67
C GLU B 30 -14.64 12.12 -28.23
N GLU B 31 -15.34 12.95 -29.01
CA GLU B 31 -16.69 13.37 -28.69
C GLU B 31 -16.75 14.03 -27.32
N HIS B 32 -15.76 14.87 -27.04
CA HIS B 32 -15.64 15.58 -25.77
C HIS B 32 -15.97 17.05 -26.00
N LYS B 33 -16.96 17.55 -25.26
CA LYS B 33 -17.46 18.92 -25.41
C LYS B 33 -17.06 19.72 -24.18
N TYR B 34 -16.23 20.74 -24.38
CA TYR B 34 -15.88 21.64 -23.29
C TYR B 34 -17.06 22.52 -22.93
N SER B 35 -17.33 22.63 -21.63
CA SER B 35 -18.47 23.41 -21.16
C SER B 35 -18.14 24.02 -19.81
N ALA B 36 -18.46 25.30 -19.64
CA ALA B 36 -18.21 26.00 -18.40
C ALA B 36 -19.21 27.14 -18.25
N SER B 37 -19.63 27.38 -17.02
CA SER B 37 -20.58 28.45 -16.73
C SER B 37 -20.13 29.18 -15.47
N GLY B 38 -20.08 30.51 -15.55
CA GLY B 38 -19.69 31.31 -14.42
C GLY B 38 -19.09 32.63 -14.88
N ARG B 39 -19.07 33.57 -13.94
CA ARG B 39 -18.54 34.91 -14.21
C ARG B 39 -18.22 35.58 -12.89
N SER B 40 -17.21 36.46 -12.92
CA SER B 40 -16.75 37.16 -11.73
C SER B 40 -16.98 38.66 -11.89
N LEU B 41 -16.68 39.40 -10.83
CA LEU B 41 -16.94 40.84 -10.81
C LEU B 41 -16.08 41.59 -11.81
N VAL B 42 -14.77 41.35 -11.78
CA VAL B 42 -13.84 42.10 -12.63
C VAL B 42 -13.73 41.54 -14.04
N GLU B 43 -14.51 40.52 -14.37
CA GLU B 43 -14.39 39.90 -15.69
C GLU B 43 -14.74 40.84 -16.84
N PRO B 44 -15.90 41.51 -16.86
CA PRO B 44 -16.33 42.22 -18.09
C PRO B 44 -15.32 43.25 -18.58
N PRO B 45 -14.76 44.12 -17.72
CA PRO B 45 -13.74 45.04 -18.23
C PRO B 45 -12.51 44.34 -18.76
N MET B 46 -11.95 43.41 -17.99
CA MET B 46 -10.84 42.60 -18.47
C MET B 46 -11.24 41.70 -19.63
N GLN B 47 -12.50 41.29 -19.70
CA GLN B 47 -12.96 40.56 -20.88
C GLN B 47 -12.84 41.41 -22.14
N VAL B 48 -13.27 42.67 -22.04
CA VAL B 48 -13.15 43.60 -23.18
C VAL B 48 -11.68 43.83 -23.52
N TYR B 49 -10.84 43.98 -22.49
CA TYR B 49 -9.42 44.19 -22.72
C TYR B 49 -8.79 43.00 -23.44
N TRP B 50 -9.10 41.78 -22.99
CA TRP B 50 -8.56 40.60 -23.65
C TRP B 50 -9.07 40.47 -25.07
N ASN B 51 -10.35 40.79 -25.29
CA ASN B 51 -10.88 40.77 -26.66
C ASN B 51 -10.14 41.75 -27.55
N TRP B 52 -9.88 42.96 -27.06
CA TRP B 52 -9.13 43.93 -27.84
C TRP B 52 -7.73 43.44 -28.15
N LEU B 53 -7.06 42.84 -27.16
CA LEU B 53 -5.68 42.41 -27.39
C LEU B 53 -5.62 41.24 -28.37
N VAL B 54 -6.57 40.30 -28.26
CA VAL B 54 -6.56 39.15 -29.15
C VAL B 54 -7.01 39.55 -30.55
N GLU B 55 -7.69 40.69 -30.66
CA GLU B 55 -8.06 41.21 -31.98
C GLU B 55 -6.82 41.52 -32.81
N LYS B 56 -5.67 41.70 -32.15
CA LYS B 56 -4.42 42.10 -32.80
C LYS B 56 -3.34 41.04 -32.63
N VAL B 57 -3.69 39.77 -32.86
CA VAL B 57 -2.73 38.67 -32.75
C VAL B 57 -2.63 37.99 -34.11
N PRO B 58 -1.45 37.51 -34.52
CA PRO B 58 -1.36 36.76 -35.78
C PRO B 58 -2.20 35.49 -35.75
N LEU B 59 -2.77 35.16 -36.91
CA LEU B 59 -3.67 34.02 -37.04
C LEU B 59 -2.96 32.69 -37.20
N TRP B 60 -1.66 32.69 -37.47
CA TRP B 60 -0.93 31.46 -37.73
C TRP B 60 -0.27 30.86 -36.49
N LEU B 61 -0.42 31.51 -35.34
CA LEU B 61 0.25 31.05 -34.12
C LEU B 61 -0.65 30.08 -33.36
N ALA B 62 -0.05 28.99 -32.87
CA ALA B 62 -0.79 27.97 -32.16
C ALA B 62 -0.93 28.33 -30.68
N PRO B 63 -2.08 28.00 -30.06
CA PRO B 63 -2.27 28.29 -28.63
C PRO B 63 -1.31 27.56 -27.71
N ASN B 64 -0.87 26.36 -28.09
CA ASN B 64 0.05 25.60 -27.23
C ASN B 64 1.35 26.36 -27.01
N THR B 65 1.88 26.98 -28.07
CA THR B 65 3.06 27.81 -27.92
C THR B 65 2.81 28.97 -26.96
N ILE B 66 1.63 29.59 -27.05
CA ILE B 66 1.33 30.74 -26.18
C ILE B 66 1.31 30.31 -24.72
N THR B 67 0.61 29.21 -24.42
CA THR B 67 0.53 28.77 -23.03
C THR B 67 1.89 28.28 -22.52
N MET B 68 2.68 27.63 -23.39
CA MET B 68 4.02 27.22 -22.99
C MET B 68 4.90 28.42 -22.67
N VAL B 69 4.81 29.48 -23.49
CA VAL B 69 5.60 30.68 -23.24
C VAL B 69 5.18 31.33 -21.93
N GLY B 70 3.87 31.42 -21.68
CA GLY B 70 3.41 32.02 -20.44
C GLY B 70 3.88 31.24 -19.22
N LEU B 71 3.74 29.91 -19.26
CA LEU B 71 4.20 29.08 -18.15
C LEU B 71 5.71 29.23 -17.95
N LEU B 72 6.47 29.25 -19.06
CA LEU B 72 7.91 29.37 -18.95
C LEU B 72 8.32 30.69 -18.29
N LEU B 73 7.68 31.79 -18.71
CA LEU B 73 8.01 33.08 -18.11
C LEU B 73 7.68 33.10 -16.63
N ASN B 74 6.49 32.61 -16.27
CA ASN B 74 6.09 32.62 -14.86
C ASN B 74 7.05 31.78 -14.02
N VAL B 75 7.37 30.57 -14.48
CA VAL B 75 8.26 29.69 -13.74
C VAL B 75 9.65 30.29 -13.62
N LEU B 76 10.17 30.88 -14.69
CA LEU B 76 11.51 31.46 -14.63
C LEU B 76 11.58 32.61 -13.63
N SER B 77 10.58 33.51 -13.67
CA SER B 77 10.61 34.64 -12.75
C SER B 77 10.46 34.18 -11.30
N THR B 78 9.54 33.25 -11.05
CA THR B 78 9.39 32.72 -9.70
C THR B 78 10.65 32.01 -9.24
N LEU B 79 11.32 31.29 -10.14
CA LEU B 79 12.56 30.60 -9.78
C LEU B 79 13.64 31.59 -9.38
N ILE B 80 13.75 32.70 -10.12
CA ILE B 80 14.73 33.73 -9.76
C ILE B 80 14.43 34.29 -8.38
N LEU B 81 13.15 34.63 -8.13
CA LEU B 81 12.79 35.19 -6.83
C LEU B 81 13.05 34.22 -5.70
N VAL B 82 12.74 32.93 -5.92
CA VAL B 82 12.97 31.91 -4.90
C VAL B 82 14.46 31.75 -4.63
N CYS B 83 15.27 31.73 -5.69
CA CYS B 83 16.71 31.59 -5.52
C CYS B 83 17.32 32.76 -4.77
N TYR B 84 16.82 33.97 -4.97
CA TYR B 84 17.33 35.09 -4.18
C TYR B 84 16.82 35.11 -2.75
N CYS B 85 15.77 34.34 -2.42
CA CYS B 85 15.20 34.36 -1.07
C CYS B 85 14.90 32.94 -0.57
N PRO B 86 15.93 32.14 -0.28
CA PRO B 86 15.69 30.87 0.43
C PRO B 86 15.21 31.13 1.85
N THR B 87 14.39 30.23 2.37
CA THR B 87 13.82 30.24 3.72
C THR B 87 12.76 31.34 3.85
N ALA B 88 12.60 32.20 2.86
CA ALA B 88 11.57 33.25 2.83
C ALA B 88 11.67 34.16 4.06
N THR B 89 12.89 34.62 4.35
CA THR B 89 13.07 35.63 5.39
C THR B 89 14.06 36.72 5.05
N GLU B 90 14.72 36.69 3.88
CA GLU B 90 15.58 37.78 3.45
C GLU B 90 14.78 38.77 2.60
N GLY B 91 15.48 39.69 1.94
CA GLY B 91 14.83 40.64 1.06
C GLY B 91 15.40 40.55 -0.34
N ALA B 92 14.64 41.10 -1.28
CA ALA B 92 14.97 41.05 -2.69
C ALA B 92 14.91 42.45 -3.29
N PRO B 93 15.68 42.71 -4.35
CA PRO B 93 15.71 44.05 -4.94
C PRO B 93 14.52 44.32 -5.84
N PHE B 94 14.55 45.50 -6.45
CA PHE B 94 13.52 45.93 -7.39
C PHE B 94 13.39 44.98 -8.57
N TRP B 95 14.53 44.50 -9.06
CA TRP B 95 14.61 43.62 -10.23
C TRP B 95 13.64 42.45 -10.14
N THR B 96 13.79 41.62 -9.10
CA THR B 96 13.03 40.39 -9.00
C THR B 96 11.54 40.66 -8.85
N TYR B 97 11.16 41.65 -8.05
CA TYR B 97 9.75 41.94 -7.84
C TYR B 97 9.09 42.46 -9.12
N LEU B 98 9.76 43.37 -9.83
CA LEU B 98 9.22 43.84 -11.10
C LEU B 98 9.09 42.69 -12.09
N LEU B 99 10.10 41.82 -12.15
CA LEU B 99 10.04 40.69 -13.07
C LEU B 99 8.90 39.75 -12.72
N CYS B 100 8.67 39.50 -11.42
CA CYS B 100 7.58 38.61 -11.02
C CYS B 100 6.22 39.21 -11.37
N ALA B 101 6.04 40.51 -11.11
CA ALA B 101 4.77 41.14 -11.46
C ALA B 101 4.52 41.09 -12.97
N ILE B 102 5.54 41.40 -13.76
CA ILE B 102 5.40 41.38 -15.22
C ILE B 102 5.09 39.95 -15.69
N GLY B 103 5.77 38.97 -15.12
CA GLY B 103 5.54 37.59 -15.52
C GLY B 103 4.13 37.12 -15.20
N LEU B 104 3.63 37.46 -14.01
CA LEU B 104 2.27 37.05 -13.66
C LEU B 104 1.24 37.72 -14.57
N PHE B 105 1.41 39.02 -14.83
CA PHE B 105 0.47 39.71 -15.72
C PHE B 105 0.50 39.11 -17.12
N VAL B 106 1.71 38.80 -17.61
CA VAL B 106 1.83 38.20 -18.95
C VAL B 106 1.20 36.82 -18.97
N TYR B 107 1.36 36.04 -17.89
CA TYR B 107 0.75 34.73 -17.83
C TYR B 107 -0.77 34.81 -17.91
N GLN B 108 -1.36 35.70 -17.12
CA GLN B 108 -2.83 35.85 -17.17
C GLN B 108 -3.29 36.30 -18.55
N SER B 109 -2.59 37.28 -19.13
CA SER B 109 -2.97 37.78 -20.45
C SER B 109 -2.89 36.66 -21.49
N LEU B 110 -1.79 35.90 -21.48
CA LEU B 110 -1.63 34.83 -22.47
C LEU B 110 -2.65 33.72 -22.27
N ASP B 111 -3.02 33.42 -21.03
CA ASP B 111 -4.08 32.43 -20.81
C ASP B 111 -5.38 32.88 -21.45
N ALA B 112 -5.79 34.13 -21.18
CA ALA B 112 -7.03 34.61 -21.78
C ALA B 112 -6.95 34.63 -23.30
N ILE B 113 -5.80 35.09 -23.83
CA ILE B 113 -5.68 35.28 -25.28
C ILE B 113 -5.64 33.94 -26.01
N ASP B 114 -4.91 32.96 -25.49
CA ASP B 114 -4.82 31.70 -26.22
C ASP B 114 -6.10 30.90 -26.07
N GLY B 115 -6.83 31.10 -24.95
CA GLY B 115 -8.18 30.55 -24.90
C GLY B 115 -9.07 31.11 -25.99
N LYS B 116 -9.06 32.44 -26.13
CA LYS B 116 -9.90 33.08 -27.16
C LYS B 116 -9.47 32.64 -28.56
N GLN B 117 -8.17 32.57 -28.81
CA GLN B 117 -7.64 32.22 -30.12
C GLN B 117 -7.82 30.74 -30.46
N ALA B 118 -7.88 29.87 -29.45
CA ALA B 118 -8.19 28.46 -29.67
C ALA B 118 -9.67 28.23 -29.90
N ARG B 119 -10.56 29.00 -29.28
CA ARG B 119 -11.98 28.85 -29.58
C ARG B 119 -12.28 29.20 -31.04
N ARG B 120 -11.61 30.21 -31.58
CA ARG B 120 -11.76 30.57 -32.98
C ARG B 120 -10.71 29.82 -33.82
N THR B 121 -10.83 29.97 -35.15
CA THR B 121 -9.95 29.30 -36.11
C THR B 121 -9.99 27.78 -35.94
N ASN B 122 -11.13 27.27 -35.46
CA ASN B 122 -11.45 25.84 -35.33
C ASN B 122 -10.22 24.98 -35.03
N SER B 123 -9.44 25.43 -34.04
CA SER B 123 -8.25 24.72 -33.60
C SER B 123 -8.46 23.99 -32.26
N SER B 124 -9.71 23.92 -31.80
CA SER B 124 -9.99 23.27 -30.53
C SER B 124 -9.69 21.78 -30.59
N SER B 125 -9.12 21.27 -29.50
CA SER B 125 -8.75 19.87 -29.41
C SER B 125 -8.70 19.46 -27.94
N PRO B 126 -8.85 18.17 -27.62
CA PRO B 126 -8.80 17.76 -26.21
C PRO B 126 -7.43 17.96 -25.58
N LEU B 127 -6.39 18.08 -26.40
CA LEU B 127 -5.04 18.26 -25.88
C LEU B 127 -4.85 19.65 -25.28
N GLY B 128 -5.45 20.68 -25.87
CA GLY B 128 -5.33 22.03 -25.36
C GLY B 128 -5.83 22.14 -23.93
N GLU B 129 -6.92 21.43 -23.61
CA GLU B 129 -7.43 21.43 -22.25
C GLU B 129 -6.43 20.83 -21.28
N MET B 130 -5.78 19.71 -21.66
CA MET B 130 -4.77 19.11 -20.79
C MET B 130 -3.59 20.04 -20.58
N PHE B 131 -3.12 20.69 -21.66
CA PHE B 131 -2.05 21.67 -21.51
C PHE B 131 -2.46 22.80 -20.58
N ASP B 132 -3.69 23.31 -20.75
CA ASP B 132 -4.15 24.42 -19.93
C ASP B 132 -4.18 24.03 -18.46
N HIS B 133 -4.71 22.86 -18.14
CA HIS B 133 -4.79 22.44 -16.74
C HIS B 133 -3.42 22.15 -16.13
N GLY B 134 -2.52 21.49 -16.86
CA GLY B 134 -1.18 21.27 -16.33
C GLY B 134 -0.44 22.56 -16.10
N CYS B 135 -0.52 23.50 -17.06
CA CYS B 135 0.13 24.79 -16.89
C CYS B 135 -0.47 25.55 -15.72
N ASP B 136 -1.80 25.46 -15.53
CA ASP B 136 -2.43 26.13 -14.39
C ASP B 136 -1.93 25.54 -13.08
N SER B 137 -1.79 24.22 -13.00
CA SER B 137 -1.28 23.59 -11.78
C SER B 137 0.12 24.09 -11.44
N ILE B 138 1.03 24.00 -12.42
CA ILE B 138 2.41 24.40 -12.16
C ILE B 138 2.48 25.89 -11.83
N SER B 139 1.72 26.70 -12.57
CA SER B 139 1.74 28.14 -12.36
C SER B 139 1.19 28.52 -11.00
N ILE B 140 0.14 27.85 -10.53
CA ILE B 140 -0.42 28.20 -9.23
C ILE B 140 0.54 27.79 -8.12
N VAL B 141 1.22 26.65 -8.28
CA VAL B 141 2.22 26.26 -7.26
C VAL B 141 3.32 27.31 -7.20
N PHE B 142 3.88 27.69 -8.34
CA PHE B 142 4.94 28.69 -8.35
C PHE B 142 4.49 30.07 -7.89
N VAL B 143 3.28 30.51 -8.27
CA VAL B 143 2.75 31.77 -7.79
C VAL B 143 2.57 31.79 -6.27
N ASN B 144 2.06 30.71 -5.69
CA ASN B 144 1.95 30.67 -4.23
C ASN B 144 3.33 30.71 -3.58
N LEU B 145 4.31 29.99 -4.14
CA LEU B 145 5.66 30.08 -3.60
C LEU B 145 6.19 31.51 -3.67
N GLY B 146 5.96 32.19 -4.79
CA GLY B 146 6.42 33.56 -4.91
C GLY B 146 5.76 34.50 -3.93
N THR B 147 4.45 34.33 -3.71
CA THR B 147 3.74 35.23 -2.79
C THR B 147 4.12 34.94 -1.35
N ILE B 148 4.54 33.71 -1.04
CA ILE B 148 5.11 33.46 0.28
C ILE B 148 6.48 34.12 0.40
N ALA B 149 7.30 34.02 -0.65
CA ALA B 149 8.64 34.59 -0.58
C ALA B 149 8.63 36.11 -0.46
N ALA B 150 7.71 36.78 -1.17
CA ALA B 150 7.73 38.24 -1.20
C ALA B 150 7.30 38.84 0.13
N VAL B 151 6.24 38.29 0.74
CA VAL B 151 5.72 38.83 1.99
C VAL B 151 6.68 38.60 3.15
N ARG B 152 7.65 37.70 3.00
CA ARG B 152 8.55 37.29 4.07
C ARG B 152 7.75 36.66 5.21
N LEU B 153 7.04 35.59 4.87
CA LEU B 153 6.24 34.85 5.85
C LEU B 153 7.08 33.76 6.52
N GLY B 154 8.22 34.17 7.05
CA GLY B 154 9.11 33.26 7.75
C GLY B 154 9.27 33.65 9.21
N THR B 155 8.82 34.86 9.54
CA THR B 155 8.79 35.32 10.92
C THR B 155 7.59 34.77 11.69
N LEU B 156 6.69 34.09 11.00
CA LEU B 156 5.53 33.44 11.61
C LEU B 156 5.53 31.98 11.19
N PRO B 157 6.37 31.15 11.81
CA PRO B 157 6.53 29.77 11.35
C PRO B 157 5.27 28.92 11.46
N GLY B 158 4.31 29.30 12.30
CA GLY B 158 3.08 28.53 12.40
C GLY B 158 2.26 28.59 11.13
N TRP B 159 2.11 29.77 10.54
CA TRP B 159 1.29 29.95 9.35
C TRP B 159 2.16 29.86 8.10
N MET B 160 2.82 28.71 7.94
CA MET B 160 3.71 28.54 6.78
C MET B 160 3.46 27.24 6.01
N PHE B 161 3.11 26.14 6.66
CA PHE B 161 2.59 24.97 5.94
C PHE B 161 1.25 25.29 5.30
N TYR B 162 0.43 26.05 6.03
CA TYR B 162 -0.98 26.22 5.67
C TYR B 162 -1.13 26.85 4.29
N CYS B 163 -0.40 27.94 4.01
CA CYS B 163 -0.63 28.69 2.79
C CYS B 163 -0.32 27.85 1.55
N CYS B 164 0.89 27.28 1.51
CA CYS B 164 1.30 26.48 0.35
C CYS B 164 0.34 25.31 0.16
N PHE B 165 0.10 24.55 1.22
CA PHE B 165 -0.70 23.36 0.98
C PHE B 165 -2.18 23.66 0.88
N VAL B 166 -2.65 24.85 1.25
CA VAL B 166 -4.05 25.18 1.02
C VAL B 166 -4.24 25.64 -0.41
N GLY B 167 -3.24 26.30 -0.99
CA GLY B 167 -3.29 26.55 -2.42
C GLY B 167 -3.34 25.26 -3.22
N MET B 168 -2.46 24.33 -2.87
CA MET B 168 -2.46 23.01 -3.52
C MET B 168 -3.80 22.30 -3.34
N PHE B 169 -4.30 22.27 -2.10
CA PHE B 169 -5.57 21.60 -1.79
C PHE B 169 -6.73 22.26 -2.51
N MET B 170 -6.74 23.60 -2.59
CA MET B 170 -7.83 24.30 -3.24
C MET B 170 -7.87 24.00 -4.74
N PHE B 171 -6.71 23.98 -5.40
CA PHE B 171 -6.75 23.67 -6.82
C PHE B 171 -7.16 22.21 -7.05
N TYR B 172 -6.64 21.29 -6.24
CA TYR B 172 -7.02 19.89 -6.44
C TYR B 172 -8.49 19.68 -6.12
N CYS B 173 -9.04 20.47 -5.20
CA CYS B 173 -10.47 20.37 -4.91
C CYS B 173 -11.31 20.99 -6.00
N ALA B 174 -10.81 22.01 -6.69
CA ALA B 174 -11.50 22.50 -7.88
C ALA B 174 -11.58 21.42 -8.93
N GLN B 175 -10.46 20.71 -9.16
CA GLN B 175 -10.49 19.59 -10.09
C GLN B 175 -11.43 18.48 -9.61
N TRP B 176 -11.42 18.20 -8.31
CA TRP B 176 -12.28 17.17 -7.73
C TRP B 176 -13.76 17.52 -7.87
N GLN B 177 -14.10 18.79 -7.69
CA GLN B 177 -15.44 19.26 -8.00
C GLN B 177 -15.77 19.08 -9.47
N THR B 178 -14.81 19.33 -10.35
CA THR B 178 -15.05 19.11 -11.77
C THR B 178 -15.32 17.63 -12.07
N TYR B 179 -14.63 16.73 -11.38
CA TYR B 179 -14.77 15.30 -11.66
C TYR B 179 -16.17 14.79 -11.34
N VAL B 180 -16.79 15.30 -10.28
CA VAL B 180 -18.07 14.78 -9.80
C VAL B 180 -19.23 15.48 -10.52
N CYS B 181 -18.93 16.37 -11.46
CA CYS B 181 -19.96 17.07 -12.21
C CYS B 181 -19.57 17.15 -13.68
N GLY B 182 -20.27 17.96 -14.46
CA GLY B 182 -20.02 17.99 -15.89
C GLY B 182 -19.58 19.34 -16.43
N THR B 183 -19.78 20.40 -15.66
CA THR B 183 -19.47 21.76 -16.11
C THR B 183 -18.63 22.48 -15.06
N LEU B 184 -17.71 23.31 -15.52
CA LEU B 184 -16.94 24.15 -14.63
C LEU B 184 -17.83 25.27 -14.07
N LYS B 185 -17.76 25.46 -12.76
CA LYS B 185 -18.52 26.52 -12.09
C LYS B 185 -17.55 27.55 -11.56
N PHE B 186 -17.73 28.81 -11.96
CA PHE B 186 -16.85 29.90 -11.56
C PHE B 186 -17.50 30.73 -10.47
N GLY B 187 -16.73 31.00 -9.42
CA GLY B 187 -17.19 31.82 -8.31
C GLY B 187 -17.00 33.30 -8.57
N ILE B 188 -16.96 34.06 -7.48
CA ILE B 188 -16.82 35.51 -7.56
C ILE B 188 -15.48 35.93 -6.97
N ILE B 189 -14.79 34.99 -6.33
CA ILE B 189 -13.50 35.27 -5.69
C ILE B 189 -12.51 34.30 -6.34
N ASP B 190 -12.69 34.06 -7.63
CA ASP B 190 -11.93 33.04 -8.34
C ASP B 190 -10.53 33.55 -8.67
N VAL B 191 -9.85 32.82 -9.57
CA VAL B 191 -8.42 32.98 -9.79
C VAL B 191 -8.08 34.39 -10.27
N THR B 192 -9.01 35.03 -10.99
CA THR B 192 -8.73 36.35 -11.55
C THR B 192 -8.43 37.37 -10.45
N GLU B 193 -9.28 37.43 -9.43
CA GLU B 193 -9.07 38.38 -8.34
C GLU B 193 -7.79 38.05 -7.56
N LEU B 194 -7.53 36.76 -7.35
CA LEU B 194 -6.30 36.36 -6.65
C LEU B 194 -5.07 36.81 -7.40
N GLN B 195 -5.05 36.61 -8.73
CA GLN B 195 -3.91 37.04 -9.53
C GLN B 195 -3.77 38.55 -9.55
N ILE B 196 -4.88 39.28 -9.63
CA ILE B 196 -4.81 40.75 -9.60
C ILE B 196 -4.24 41.22 -8.26
N SER B 197 -4.71 40.61 -7.17
CA SER B 197 -4.22 40.99 -5.85
C SER B 197 -2.73 40.69 -5.71
N VAL B 198 -2.29 39.53 -6.20
CA VAL B 198 -0.87 39.20 -6.12
C VAL B 198 -0.04 40.15 -6.97
N THR B 199 -0.51 40.51 -8.15
CA THR B 199 0.22 41.44 -9.01
C THR B 199 0.37 42.80 -8.35
N VAL B 200 -0.74 43.34 -7.82
CA VAL B 200 -0.67 44.65 -7.19
C VAL B 200 0.17 44.59 -5.92
N MET B 201 0.13 43.46 -5.20
CA MET B 201 0.96 43.30 -4.02
C MET B 201 2.44 43.30 -4.38
N PHE B 202 2.81 42.57 -5.44
CA PHE B 202 4.20 42.59 -5.89
C PHE B 202 4.64 44.00 -6.30
N LEU B 203 3.78 44.71 -7.04
CA LEU B 203 4.12 46.05 -7.48
C LEU B 203 4.31 46.99 -6.30
N MET B 204 3.41 46.93 -5.32
CA MET B 204 3.50 47.79 -4.15
C MET B 204 4.75 47.46 -3.32
N THR B 205 5.03 46.17 -3.13
CA THR B 205 6.21 45.76 -2.38
C THR B 205 7.49 46.23 -3.09
N ALA B 206 7.50 46.16 -4.43
CA ALA B 206 8.64 46.66 -5.18
C ALA B 206 8.82 48.15 -4.99
N VAL B 207 7.76 48.93 -5.19
CA VAL B 207 7.88 50.38 -5.20
C VAL B 207 8.22 50.91 -3.81
N CYS B 208 7.68 50.28 -2.77
CA CYS B 208 7.88 50.78 -1.42
C CYS B 208 8.98 50.03 -0.66
N GLY B 209 9.39 48.86 -1.13
CA GLY B 209 10.41 48.09 -0.46
C GLY B 209 9.85 46.90 0.29
N PRO B 210 10.70 45.88 0.52
CA PRO B 210 10.23 44.65 1.17
C PRO B 210 9.79 44.86 2.61
N GLU B 211 10.19 45.98 3.21
CA GLU B 211 9.93 46.25 4.62
C GLU B 211 8.55 46.85 4.87
N LEU B 212 7.74 47.00 3.81
CA LEU B 212 6.37 47.51 3.98
C LEU B 212 5.57 46.63 4.93
N TRP B 213 5.79 45.31 4.89
CA TRP B 213 5.08 44.40 5.76
C TRP B 213 5.62 44.41 7.18
N ASP B 214 6.61 45.25 7.46
CA ASP B 214 7.11 45.51 8.81
C ASP B 214 6.83 46.97 9.18
N TYR B 215 5.64 47.45 8.83
CA TYR B 215 5.22 48.83 9.04
C TYR B 215 3.93 48.82 9.84
N GLU B 216 3.96 48.11 10.97
CA GLU B 216 2.82 47.69 11.78
C GLU B 216 1.69 48.72 11.89
N ILE B 217 0.46 48.23 11.74
CA ILE B 217 -0.78 49.01 11.69
C ILE B 217 -0.98 49.77 13.00
N PRO B 218 -1.37 51.05 12.94
CA PRO B 218 -1.38 51.89 14.15
C PRO B 218 -1.97 51.26 15.40
N PHE B 219 -2.79 50.23 15.29
CA PHE B 219 -3.45 49.61 16.43
C PHE B 219 -3.26 48.09 16.42
N THR B 220 -3.56 47.47 17.57
CA THR B 220 -3.75 46.04 17.80
C THR B 220 -2.41 45.28 17.90
N GLY B 221 -1.28 45.95 17.67
CA GLY B 221 0.06 45.35 17.73
C GLY B 221 0.29 44.28 16.67
N LEU B 222 -0.64 44.10 15.73
CA LEU B 222 -0.48 43.10 14.70
C LEU B 222 0.26 43.69 13.50
N PRO B 223 1.19 42.95 12.89
CA PRO B 223 1.93 43.46 11.73
C PRO B 223 1.06 43.59 10.49
N MET B 224 1.65 44.09 9.39
CA MET B 224 0.90 44.28 8.16
C MET B 224 0.49 42.94 7.53
N LYS B 225 1.29 41.89 7.71
CA LYS B 225 1.06 40.64 6.99
C LYS B 225 -0.27 40.00 7.36
N THR B 226 -0.90 40.41 8.46
CA THR B 226 -2.20 39.85 8.79
C THR B 226 -3.28 40.26 7.78
N ILE B 227 -3.07 41.38 7.08
CA ILE B 227 -4.05 41.81 6.09
C ILE B 227 -4.16 40.83 4.93
N PRO B 228 -3.07 40.38 4.30
CA PRO B 228 -3.23 39.31 3.29
C PRO B 228 -3.73 38.00 3.88
N LEU B 229 -3.04 37.48 4.90
CA LEU B 229 -3.30 36.12 5.38
C LEU B 229 -4.78 35.93 5.70
N LEU B 230 -5.35 36.80 6.53
CA LEU B 230 -6.77 36.69 6.87
C LEU B 230 -7.62 36.58 5.61
N GLY B 231 -7.42 37.50 4.66
CA GLY B 231 -8.18 37.42 3.42
C GLY B 231 -8.05 36.07 2.77
N ILE B 232 -6.81 35.58 2.64
CA ILE B 232 -6.58 34.24 2.09
C ILE B 232 -7.49 33.24 2.78
N ILE B 233 -7.43 33.18 4.12
CA ILE B 233 -8.23 32.21 4.84
C ILE B 233 -9.69 32.38 4.47
N GLY B 234 -10.19 33.61 4.53
CA GLY B 234 -11.58 33.84 4.17
C GLY B 234 -11.88 33.31 2.79
N GLY B 235 -11.08 33.72 1.80
CA GLY B 235 -11.30 33.24 0.45
C GLY B 235 -11.32 31.72 0.42
N THR B 236 -10.32 31.09 1.05
CA THR B 236 -10.27 29.64 1.07
C THR B 236 -11.59 29.08 1.56
N VAL B 237 -12.05 29.55 2.72
CA VAL B 237 -13.31 29.05 3.27
C VAL B 237 -14.39 29.12 2.21
N TYR B 238 -14.61 30.31 1.66
CA TYR B 238 -15.66 30.47 0.66
C TYR B 238 -15.48 29.46 -0.45
N SER B 239 -14.28 29.43 -1.04
CA SER B 239 -14.05 28.51 -2.15
C SER B 239 -14.37 27.09 -1.73
N CYS B 240 -13.77 26.65 -0.61
CA CYS B 240 -13.98 25.27 -0.19
C CYS B 240 -15.46 24.98 -0.05
N SER B 241 -16.20 25.88 0.60
CA SER B 241 -17.63 25.69 0.78
C SER B 241 -18.28 25.29 -0.53
N ASN B 242 -18.15 26.15 -1.54
CA ASN B 242 -18.81 25.90 -2.81
C ASN B 242 -18.46 24.51 -3.32
N TYR B 243 -17.16 24.22 -3.39
CA TYR B 243 -16.75 22.94 -3.96
C TYR B 243 -17.41 21.80 -3.23
N PHE B 244 -17.36 21.81 -1.90
CA PHE B 244 -17.84 20.67 -1.16
C PHE B 244 -19.33 20.47 -1.38
N ARG B 245 -20.09 21.57 -1.52
CA ARG B 245 -21.51 21.42 -1.76
C ARG B 245 -21.77 20.69 -3.07
N VAL B 246 -21.04 21.06 -4.13
CA VAL B 246 -21.21 20.40 -5.42
C VAL B 246 -20.83 18.94 -5.30
N ILE B 247 -19.93 18.61 -4.37
CA ILE B 247 -19.53 17.23 -4.18
C ILE B 247 -20.68 16.40 -3.62
N LEU B 248 -21.47 16.99 -2.71
CA LEU B 248 -22.44 16.21 -1.97
C LEU B 248 -23.85 16.30 -2.57
N SER B 249 -24.38 17.52 -2.68
CA SER B 249 -25.74 17.69 -3.20
C SER B 249 -25.87 17.25 -4.65
N GLY B 250 -24.85 17.55 -5.46
CA GLY B 250 -24.91 17.36 -6.89
C GLY B 250 -24.43 15.98 -7.31
N GLY B 251 -25.13 15.40 -8.28
CA GLY B 251 -24.74 14.13 -8.89
C GLY B 251 -25.30 14.00 -10.29
N VAL B 252 -24.45 13.57 -11.24
CA VAL B 252 -24.86 13.53 -12.64
C VAL B 252 -25.07 12.10 -13.16
N GLY B 253 -24.51 11.10 -12.49
CA GLY B 253 -24.66 9.72 -12.96
C GLY B 253 -26.03 9.13 -12.70
N LYS B 254 -26.08 7.79 -12.53
CA LYS B 254 -27.35 7.14 -12.22
C LYS B 254 -27.91 7.61 -10.88
N ASN B 255 -27.03 8.13 -10.02
CA ASN B 255 -27.39 8.64 -8.70
C ASN B 255 -26.46 9.82 -8.43
N GLY B 256 -26.35 10.21 -7.15
CA GLY B 256 -25.39 11.22 -6.77
C GLY B 256 -23.95 10.80 -7.01
N SER B 257 -23.75 9.59 -7.52
CA SER B 257 -22.43 9.02 -7.73
C SER B 257 -21.63 9.76 -8.80
N THR B 258 -20.38 9.35 -8.99
CA THR B 258 -19.48 9.98 -9.93
C THR B 258 -19.95 9.77 -11.37
N VAL B 259 -19.56 10.69 -12.25
CA VAL B 259 -19.91 10.59 -13.67
C VAL B 259 -19.41 9.30 -14.28
N ALA B 260 -18.31 8.75 -13.74
CA ALA B 260 -17.80 7.47 -14.21
C ALA B 260 -18.48 6.29 -13.54
N GLY B 261 -19.42 6.54 -12.63
CA GLY B 261 -20.11 5.48 -11.92
C GLY B 261 -19.45 5.03 -10.63
N THR B 262 -18.27 5.55 -10.32
CA THR B 262 -17.57 5.16 -9.10
C THR B 262 -18.07 5.97 -7.90
N SER B 263 -17.41 5.76 -6.77
CA SER B 263 -17.76 6.49 -5.56
C SER B 263 -17.40 7.97 -5.70
N VAL B 264 -18.07 8.79 -4.90
CA VAL B 264 -17.88 10.24 -4.96
C VAL B 264 -16.62 10.70 -4.26
N LEU B 265 -16.13 9.96 -3.26
CA LEU B 265 -15.05 10.41 -2.41
C LEU B 265 -13.78 9.60 -2.61
N SER B 266 -13.49 9.20 -3.84
CA SER B 266 -12.29 8.40 -4.08
C SER B 266 -11.02 9.25 -4.19
N PRO B 267 -10.98 10.32 -5.00
CA PRO B 267 -9.74 11.14 -5.03
C PRO B 267 -9.43 11.83 -3.71
N GLY B 268 -10.45 11.97 -2.85
CA GLY B 268 -10.19 12.46 -1.51
C GLY B 268 -9.15 11.65 -0.78
N LEU B 269 -9.15 10.33 -1.00
CA LEU B 269 -8.09 9.49 -0.44
C LEU B 269 -6.73 9.89 -0.99
N HIS B 270 -6.64 10.18 -2.29
CA HIS B 270 -5.37 10.60 -2.86
C HIS B 270 -4.84 11.86 -2.18
N ILE B 271 -5.66 12.90 -2.10
CA ILE B 271 -5.15 14.14 -1.53
C ILE B 271 -4.93 14.01 -0.03
N GLY B 272 -5.76 13.23 0.67
CA GLY B 272 -5.54 13.01 2.08
C GLY B 272 -4.23 12.28 2.34
N LEU B 273 -3.93 11.28 1.52
CA LEU B 273 -2.66 10.57 1.64
C LEU B 273 -1.48 11.52 1.41
N VAL B 274 -1.56 12.35 0.37
CA VAL B 274 -0.45 13.24 0.06
C VAL B 274 -0.22 14.22 1.22
N LEU B 275 -1.29 14.87 1.67
CA LEU B 275 -1.13 15.88 2.72
C LEU B 275 -0.76 15.24 4.06
N LEU B 276 -1.32 14.07 4.37
CA LEU B 276 -0.96 13.39 5.61
C LEU B 276 0.50 12.96 5.61
N LEU B 277 1.00 12.45 4.48
CA LEU B 277 2.41 12.10 4.39
C LEU B 277 3.29 13.34 4.53
N ALA B 278 2.89 14.45 3.89
CA ALA B 278 3.65 15.69 4.04
C ALA B 278 3.70 16.13 5.50
N LEU B 279 2.57 16.11 6.19
CA LEU B 279 2.52 16.52 7.59
C LEU B 279 3.33 15.58 8.47
N MET B 280 3.26 14.27 8.21
CA MET B 280 3.98 13.30 9.03
C MET B 280 5.49 13.47 8.86
N ILE B 281 5.95 13.72 7.63
CA ILE B 281 7.38 13.97 7.44
C ILE B 281 7.77 15.32 8.04
N TYR B 282 6.88 16.31 8.00
CA TYR B 282 7.15 17.61 8.58
C TYR B 282 7.34 17.52 10.09
N LYS B 283 6.48 16.77 10.78
CA LYS B 283 6.43 16.81 12.23
C LYS B 283 7.50 15.97 12.91
N LYS B 284 8.20 15.10 12.18
CA LYS B 284 9.20 14.25 12.80
C LYS B 284 10.54 14.39 12.07
N SER B 285 10.95 15.63 11.80
CA SER B 285 12.20 15.86 11.09
C SER B 285 13.43 15.69 11.96
N THR B 286 13.37 16.16 13.21
CA THR B 286 14.45 16.14 14.21
C THR B 286 15.63 17.03 13.80
N THR B 287 15.59 17.65 12.62
CA THR B 287 16.64 18.57 12.18
C THR B 287 16.04 19.81 11.52
N ASN B 288 14.75 20.07 11.71
CA ASN B 288 14.04 21.18 11.08
C ASN B 288 14.23 21.15 9.55
N LEU B 289 13.71 20.07 8.98
CA LEU B 289 13.81 19.87 7.54
C LEU B 289 13.05 20.95 6.76
N PHE B 290 11.91 21.38 7.28
CA PHE B 290 11.03 22.29 6.55
C PHE B 290 11.43 23.74 6.70
N LEU B 291 11.75 24.18 7.93
CA LEU B 291 11.98 25.59 8.18
C LEU B 291 13.30 26.10 7.64
N GLN B 292 14.20 25.23 7.22
CA GLN B 292 15.43 25.65 6.55
C GLN B 292 15.45 25.31 5.06
N ASN B 293 14.59 24.42 4.59
CA ASN B 293 14.43 24.13 3.17
C ASN B 293 12.95 24.14 2.79
N PRO B 294 12.30 25.30 2.86
CA PRO B 294 10.88 25.35 2.51
C PRO B 294 10.63 25.24 1.02
N CYS B 295 11.42 25.94 0.21
CA CYS B 295 11.17 25.98 -1.22
C CYS B 295 11.34 24.60 -1.85
N LEU B 296 12.39 23.88 -1.49
CA LEU B 296 12.60 22.54 -2.04
C LEU B 296 11.48 21.58 -1.65
N TYR B 297 11.05 21.61 -0.38
CA TYR B 297 9.95 20.81 0.13
C TYR B 297 8.65 21.07 -0.63
N THR B 298 8.28 22.35 -0.73
CA THR B 298 7.05 22.70 -1.44
C THR B 298 7.14 22.36 -2.91
N LEU B 299 8.32 22.51 -3.53
CA LEU B 299 8.45 22.18 -4.95
C LEU B 299 8.31 20.68 -5.18
N ALA B 300 8.94 19.86 -4.33
CA ALA B 300 8.82 18.41 -4.49
C ALA B 300 7.38 17.96 -4.35
N PHE B 301 6.71 18.39 -3.28
CA PHE B 301 5.33 17.97 -3.11
C PHE B 301 4.41 18.63 -4.13
N GLY B 302 4.79 19.79 -4.67
CA GLY B 302 4.03 20.39 -5.74
C GLY B 302 4.10 19.59 -7.03
N PHE B 303 5.28 19.06 -7.35
CA PHE B 303 5.37 18.18 -8.51
C PHE B 303 4.57 16.91 -8.30
N VAL B 304 4.63 16.35 -7.08
CA VAL B 304 3.84 15.15 -6.80
C VAL B 304 2.34 15.42 -7.00
N SER B 305 1.84 16.50 -6.40
CA SER B 305 0.43 16.83 -6.54
C SER B 305 0.08 17.25 -7.96
N ALA B 306 1.05 17.81 -8.70
CA ALA B 306 0.80 18.13 -10.09
C ALA B 306 0.54 16.86 -10.91
N LYS B 307 1.33 15.82 -10.66
CA LYS B 307 1.05 14.55 -11.35
C LYS B 307 -0.30 13.97 -10.91
N ILE B 308 -0.58 14.00 -9.59
CA ILE B 308 -1.85 13.48 -9.10
C ILE B 308 -3.05 14.28 -9.60
N THR B 309 -2.85 15.55 -9.96
CA THR B 309 -3.92 16.39 -10.50
C THR B 309 -4.07 16.23 -12.01
N ILE B 310 -2.96 16.06 -12.74
CA ILE B 310 -3.03 15.73 -14.16
C ILE B 310 -3.67 14.38 -14.40
N LYS B 311 -3.48 13.40 -13.51
CA LYS B 311 -4.18 12.13 -13.67
C LYS B 311 -5.69 12.33 -13.65
N LEU B 312 -6.19 13.13 -12.71
CA LEU B 312 -7.63 13.35 -12.63
C LEU B 312 -8.17 14.13 -13.82
N VAL B 313 -7.32 14.96 -14.45
CA VAL B 313 -7.73 15.68 -15.64
C VAL B 313 -8.08 14.71 -16.76
N ILE B 314 -7.17 13.78 -17.04
CA ILE B 314 -7.44 12.74 -18.02
C ILE B 314 -8.61 11.87 -17.54
N ALA B 315 -8.73 11.68 -16.23
CA ALA B 315 -9.81 10.85 -15.70
C ALA B 315 -11.18 11.42 -16.04
N HIS B 316 -11.39 12.72 -15.84
CA HIS B 316 -12.73 13.26 -16.11
C HIS B 316 -12.90 13.71 -17.55
N MET B 317 -11.82 13.90 -18.31
CA MET B 317 -11.99 14.03 -19.75
C MET B 317 -12.51 12.73 -20.36
N THR B 318 -11.96 11.61 -19.91
CA THR B 318 -12.48 10.30 -20.28
C THR B 318 -13.54 9.93 -19.24
N LYS B 319 -14.02 8.68 -19.24
CA LYS B 319 -14.98 8.22 -18.26
C LYS B 319 -14.46 7.04 -17.45
N SER B 320 -13.15 6.91 -17.32
CA SER B 320 -12.54 5.75 -16.67
C SER B 320 -12.48 5.96 -15.16
N GLU B 321 -11.75 5.09 -14.47
CA GLU B 321 -11.63 5.11 -13.02
C GLU B 321 -10.16 5.21 -12.63
N ILE B 322 -9.91 5.94 -11.54
CA ILE B 322 -8.55 6.16 -11.05
C ILE B 322 -8.23 5.15 -9.95
N SER B 323 -6.94 4.93 -9.72
CA SER B 323 -6.45 4.06 -8.67
C SER B 323 -5.70 4.88 -7.63
N LEU B 324 -5.41 4.24 -6.50
CA LEU B 324 -4.70 4.89 -5.40
C LEU B 324 -3.28 4.33 -5.35
N GLN B 325 -2.69 4.09 -6.51
CA GLN B 325 -1.36 3.51 -6.58
C GLN B 325 -0.65 4.09 -7.80
N ASP B 326 0.34 4.95 -7.56
CA ASP B 326 1.05 5.64 -8.62
C ASP B 326 2.54 5.55 -8.37
N THR B 327 3.32 5.64 -9.45
CA THR B 327 4.77 5.73 -9.34
C THR B 327 5.26 7.15 -9.12
N ALA B 328 4.65 7.85 -8.17
CA ALA B 328 5.06 9.20 -7.79
C ALA B 328 5.36 9.33 -6.31
N PHE B 329 4.98 8.34 -5.50
CA PHE B 329 5.29 8.32 -4.07
C PHE B 329 6.70 7.82 -3.80
N ILE B 330 7.55 7.77 -4.83
CA ILE B 330 8.93 7.33 -4.62
C ILE B 330 9.67 8.32 -3.72
N GLY B 331 9.48 9.60 -3.95
CA GLY B 331 10.12 10.63 -3.14
C GLY B 331 9.65 10.61 -1.70
N PRO B 332 8.34 10.79 -1.49
CA PRO B 332 7.80 10.66 -0.13
C PRO B 332 8.08 9.30 0.49
N GLY B 333 8.10 8.24 -0.31
CA GLY B 333 8.44 6.93 0.22
C GLY B 333 9.86 6.87 0.75
N LEU B 334 10.81 7.41 -0.01
CA LEU B 334 12.19 7.47 0.45
C LEU B 334 12.32 8.30 1.72
N LEU B 335 11.63 9.44 1.77
CA LEU B 335 11.68 10.26 2.99
C LEU B 335 11.11 9.50 4.18
N PHE B 336 9.97 8.83 4.01
CA PHE B 336 9.34 8.12 5.12
C PHE B 336 10.21 6.96 5.60
N PHE B 337 10.78 6.20 4.66
CA PHE B 337 11.59 5.05 5.05
C PHE B 337 12.99 5.43 5.48
N ASN B 338 13.43 6.65 5.19
CA ASN B 338 14.66 7.18 5.78
C ASN B 338 14.41 7.80 7.14
N GLN B 339 13.17 8.20 7.44
CA GLN B 339 12.79 8.59 8.79
C GLN B 339 12.51 7.40 9.71
N TYR B 340 12.03 6.28 9.18
CA TYR B 340 11.79 5.11 10.03
C TYR B 340 13.10 4.59 10.61
N PHE B 341 14.02 4.17 9.75
CA PHE B 341 15.39 3.98 10.18
C PHE B 341 15.94 5.32 10.67
N ASN B 342 16.63 5.30 11.81
CA ASN B 342 16.80 6.53 12.58
C ASN B 342 17.45 7.64 11.76
N SER B 343 18.74 7.51 11.46
CA SER B 343 19.39 8.41 10.51
C SER B 343 20.71 7.82 10.01
N PHE B 344 20.71 7.26 8.79
CA PHE B 344 21.99 6.88 8.21
C PHE B 344 22.36 7.81 7.07
N ILE B 345 21.38 8.18 6.23
CA ILE B 345 21.59 9.25 5.27
C ILE B 345 21.03 10.54 5.82
N ASP B 346 21.83 11.60 5.79
CA ASP B 346 21.40 12.89 6.31
C ASP B 346 20.22 13.42 5.49
N GLU B 347 19.30 14.10 6.18
CA GLU B 347 18.07 14.57 5.56
C GLU B 347 18.23 15.90 4.82
N TYR B 348 19.21 15.99 3.92
CA TYR B 348 19.29 17.10 2.98
C TYR B 348 19.61 16.65 1.56
N ILE B 349 20.23 15.49 1.39
CA ILE B 349 20.43 14.93 0.05
C ILE B 349 19.21 14.13 -0.39
N VAL B 350 18.53 13.46 0.55
CA VAL B 350 17.33 12.70 0.22
C VAL B 350 16.24 13.61 -0.34
N LEU B 351 16.13 14.83 0.19
CA LEU B 351 15.16 15.79 -0.35
C LEU B 351 15.47 16.11 -1.81
N TRP B 352 16.74 16.35 -2.13
CA TRP B 352 17.10 16.65 -3.51
C TRP B 352 16.84 15.46 -4.43
N ILE B 353 17.16 14.25 -3.97
CA ILE B 353 16.89 13.06 -4.78
C ILE B 353 15.40 12.91 -5.03
N ALA B 354 14.59 13.13 -3.99
CA ALA B 354 13.14 13.02 -4.15
C ALA B 354 12.62 14.05 -5.14
N MET B 355 13.10 15.29 -5.04
CA MET B 355 12.66 16.34 -5.96
C MET B 355 13.03 16.00 -7.40
N VAL B 356 14.25 15.53 -7.62
CA VAL B 356 14.68 15.19 -8.97
C VAL B 356 13.85 14.03 -9.52
N ILE B 357 13.62 13.00 -8.70
CA ILE B 357 12.84 11.85 -9.15
C ILE B 357 11.42 12.27 -9.50
N SER B 358 10.79 13.10 -8.65
CA SER B 358 9.43 13.54 -8.93
C SER B 358 9.36 14.38 -10.20
N PHE B 359 10.32 15.28 -10.39
CA PHE B 359 10.31 16.10 -11.61
C PHE B 359 10.49 15.25 -12.85
N ALA B 360 11.42 14.29 -12.80
CA ALA B 360 11.65 13.42 -13.94
C ALA B 360 10.42 12.58 -14.27
N ASP B 361 9.76 12.05 -13.24
CA ASP B 361 8.57 11.23 -13.45
C ASP B 361 7.44 12.07 -14.06
N LEU B 362 7.24 13.28 -13.54
CA LEU B 362 6.22 14.16 -14.10
C LEU B 362 6.49 14.48 -15.56
N LEU B 363 7.74 14.82 -15.88
CA LEU B 363 8.08 15.15 -17.27
C LEU B 363 7.87 13.94 -18.18
N ARG B 364 8.29 12.75 -17.73
CA ARG B 364 8.09 11.55 -18.54
C ARG B 364 6.62 11.28 -18.79
N TYR B 365 5.79 11.38 -17.75
CA TYR B 365 4.36 11.12 -17.91
C TYR B 365 3.73 12.11 -18.88
N CYS B 366 4.06 13.40 -18.72
CA CYS B 366 3.49 14.41 -19.60
C CYS B 366 3.91 14.19 -21.05
N ILE B 367 5.19 13.92 -21.28
CA ILE B 367 5.67 13.71 -22.64
C ILE B 367 5.01 12.49 -23.27
N SER B 368 4.90 11.39 -22.51
CA SER B 368 4.30 10.18 -23.05
C SER B 368 2.83 10.41 -23.42
N VAL B 369 2.08 11.06 -22.53
CA VAL B 369 0.67 11.31 -22.83
C VAL B 369 0.53 12.21 -24.04
N CYS B 370 1.32 13.28 -24.11
CA CYS B 370 1.25 14.20 -25.23
C CYS B 370 1.57 13.49 -26.54
N LEU B 371 2.61 12.65 -26.54
CA LEU B 371 2.98 11.94 -27.76
C LEU B 371 1.90 10.97 -28.19
N GLN B 372 1.31 10.23 -27.25
CA GLN B 372 0.26 9.29 -27.61
C GLN B 372 -0.96 10.00 -28.19
N ILE B 373 -1.37 11.11 -27.55
CA ILE B 373 -2.54 11.84 -28.04
C ILE B 373 -2.24 12.46 -29.41
N ALA B 374 -1.03 12.97 -29.62
CA ALA B 374 -0.66 13.51 -30.92
C ALA B 374 -0.69 12.43 -31.99
N THR B 375 -0.17 11.24 -31.66
CA THR B 375 -0.16 10.15 -32.63
C THR B 375 -1.58 9.75 -33.00
N HIS B 376 -2.48 9.66 -32.02
CA HIS B 376 -3.86 9.29 -32.34
C HIS B 376 -4.54 10.36 -33.17
N LEU B 377 -4.51 11.61 -32.72
CA LEU B 377 -5.32 12.67 -33.32
C LEU B 377 -4.62 13.39 -34.47
N ARG B 378 -3.33 13.14 -34.70
CA ARG B 378 -2.55 13.71 -35.81
C ARG B 378 -2.77 15.22 -35.92
N ILE B 379 -2.40 15.91 -34.83
CA ILE B 379 -2.71 17.33 -34.67
C ILE B 379 -1.48 18.21 -34.67
N SER B 380 -0.27 17.65 -34.68
CA SER B 380 0.98 18.43 -34.76
C SER B 380 1.06 19.44 -33.61
N VAL B 381 1.24 18.88 -32.41
CA VAL B 381 1.02 19.55 -31.12
C VAL B 381 1.44 21.01 -31.12
N PHE B 382 2.62 21.32 -31.66
CA PHE B 382 3.09 22.70 -31.71
C PHE B 382 2.83 23.37 -33.04
N ARG B 383 2.82 22.61 -34.14
CA ARG B 383 2.51 23.12 -35.47
C ARG B 383 3.24 24.40 -35.81
#